data_5EBB
#
_entry.id   5EBB
#
_cell.length_a   147.790
_cell.length_b   147.790
_cell.length_c   139.900
_cell.angle_alpha   90.00
_cell.angle_beta   90.00
_cell.angle_gamma   120.00
#
_symmetry.space_group_name_H-M   'P 32 2 1'
#
loop_
_entity.id
_entity.type
_entity.pdbx_description
1 polymer 'Acid sphingomyelinase-like phosphodiesterase 3a'
2 non-polymer 'ZINC ION'
3 non-polymer 2-acetamido-2-deoxy-beta-D-glucopyranose
4 non-polymer 'MALONATE ION'
5 non-polymer GLYCEROL
6 water water
#
_entity_poly.entity_id   1
_entity_poly.type   'polypeptide(L)'
_entity_poly.pdbx_seq_one_letter_code
;PPAIGQFWHVTDLHLDPTYHITDDHTKVCASSKGANASNPGPFGDVLCDSPYQLILSAFDFIKNSGQEASFMIWTGDSPP
HVPVPELSTDTVINVITNMTTTIQSLFPNLQVFPALGNHDYWPQDQLPVVTSKVYNAVANLWKPWLDEEAISTLRKGGFY
SQKVTTNPNLRIISLNTNLYYGPNIMTLNKTDPANQFEWLESTLNNSQQNKEKVYIIAHVPVGYLPSSQNITAMREYYNE
KLIDIFQKYSDVIAGQFYGHTHRDSIMVLSDKKGSPVNSLFVAPAVTPVKSVLEKQTNNPGIRLFQYDPRDYKLLDMLQY
YLNLTEANLKGESIWKLEYILTQTYDIEDLQPESLYGLAKQFTILDSKQFIKYYNYFFVSYDSSVTCDKTCKAFQICAIM
NLDNISYADC
;
_entity_poly.pdbx_strand_id   A,B,C
#
# COMPACT_ATOMS: atom_id res chain seq x y z
N PRO A 1 10.93 -12.58 -1.03
CA PRO A 1 10.22 -12.43 0.25
C PRO A 1 8.80 -11.90 0.08
N PRO A 2 7.84 -12.46 0.79
CA PRO A 2 6.42 -12.11 0.65
C PRO A 2 6.01 -10.71 1.10
N ALA A 3 6.77 -10.06 1.96
CA ALA A 3 6.65 -8.62 2.23
C ALA A 3 8.02 -7.99 2.42
N ILE A 4 8.05 -6.68 2.24
CA ILE A 4 9.28 -5.90 2.30
C ILE A 4 9.09 -4.94 3.46
N GLY A 5 10.05 -4.92 4.37
CA GLY A 5 10.08 -3.91 5.43
C GLY A 5 10.85 -2.69 4.92
N GLN A 6 10.51 -1.51 5.47
CA GLN A 6 11.20 -0.27 5.18
C GLN A 6 11.40 0.60 6.39
N PHE A 7 12.54 1.24 6.49
CA PHE A 7 12.73 2.29 7.47
C PHE A 7 13.50 3.47 6.91
N TRP A 8 13.19 4.64 7.40
CA TRP A 8 13.83 5.87 6.96
C TRP A 8 15.09 6.07 7.79
N HIS A 9 16.07 6.74 7.21
CA HIS A 9 17.24 7.19 8.00
C HIS A 9 17.46 8.63 7.70
N VAL A 10 17.32 9.48 8.71
CA VAL A 10 17.62 10.89 8.61
C VAL A 10 18.66 11.27 9.63
N THR A 11 19.54 12.21 9.27
CA THR A 11 20.67 12.55 10.12
C THR A 11 21.15 13.98 9.86
N ASP A 12 21.72 14.57 10.91
CA ASP A 12 22.42 15.79 10.80
C ASP A 12 21.54 16.92 10.24
N LEU A 13 20.43 17.16 10.94
CA LEU A 13 19.45 18.16 10.57
C LEU A 13 20.03 19.56 10.75
N HIS A 14 20.78 19.77 11.83
CA HIS A 14 21.43 21.03 12.15
C HIS A 14 20.56 22.25 11.86
N LEU A 15 19.46 22.36 12.59
CA LEU A 15 18.60 23.52 12.48
C LEU A 15 19.37 24.77 12.80
N ASP A 16 19.24 25.80 11.95
CA ASP A 16 19.69 27.12 12.32
C ASP A 16 18.48 28.00 12.60
N PRO A 17 18.11 28.14 13.85
CA PRO A 17 16.98 28.93 14.28
C PRO A 17 17.03 30.41 13.91
N THR A 18 18.17 30.88 13.51
CA THR A 18 18.54 32.21 13.17
C THR A 18 18.22 32.58 11.74
N TYR A 19 18.11 31.61 10.88
CA TYR A 19 17.87 31.81 9.48
C TYR A 19 16.72 32.67 9.01
N HIS A 20 17.02 33.65 8.22
CA HIS A 20 16.00 34.45 7.58
C HIS A 20 16.60 35.27 6.43
N ILE A 21 15.86 35.37 5.34
CA ILE A 21 16.22 36.17 4.23
C ILE A 21 16.19 37.65 4.58
N THR A 22 17.33 38.32 4.38
CA THR A 22 17.44 39.75 4.45
C THR A 22 18.51 40.25 3.50
N ASP A 23 18.57 41.57 3.33
CA ASP A 23 19.50 42.21 2.41
C ASP A 23 20.98 42.09 2.76
N ASP A 24 21.29 41.99 4.05
CA ASP A 24 22.67 41.91 4.49
C ASP A 24 22.92 40.42 4.61
N HIS A 25 23.62 39.86 3.63
CA HIS A 25 23.87 38.42 3.54
C HIS A 25 24.83 37.93 4.59
N THR A 26 25.51 38.83 5.26
CA THR A 26 26.21 38.43 6.47
C THR A 26 25.28 38.21 7.65
N LYS A 27 24.02 38.58 7.53
CA LYS A 27 23.09 38.47 8.68
C LYS A 27 22.01 37.41 8.45
N VAL A 28 22.08 36.68 7.36
CA VAL A 28 21.09 35.68 7.05
C VAL A 28 21.10 34.54 8.02
N CYS A 29 22.27 34.11 8.44
CA CYS A 29 22.35 32.97 9.34
C CYS A 29 23.57 33.06 10.19
N ALA A 30 23.43 32.94 11.48
CA ALA A 30 24.57 32.92 12.37
C ALA A 30 25.57 31.80 12.00
N SER A 31 25.11 30.65 11.54
CA SER A 31 26.03 29.61 11.06
C SER A 31 26.99 29.99 9.91
N SER A 32 26.84 31.10 9.23
CA SER A 32 27.87 31.51 8.28
C SER A 32 28.99 32.26 8.99
N LYS A 33 28.80 32.52 10.29
CA LYS A 33 29.77 33.21 11.13
C LYS A 33 30.28 34.49 10.54
N GLY A 34 29.38 35.26 9.99
CA GLY A 34 29.77 36.53 9.46
C GLY A 34 30.08 36.53 8.00
N ALA A 35 30.34 35.39 7.37
CA ALA A 35 30.52 35.38 5.91
C ALA A 35 29.21 35.69 5.23
N ASN A 36 29.29 36.25 4.04
CA ASN A 36 28.15 36.52 3.21
C ASN A 36 27.62 35.21 2.71
N ALA A 37 26.40 34.91 3.07
CA ALA A 37 25.70 33.80 2.49
C ALA A 37 25.79 33.96 0.99
N SER A 38 25.90 32.82 0.32
CA SER A 38 26.30 32.80 -1.04
C SER A 38 25.17 33.25 -1.94
N ASN A 39 24.03 32.60 -1.83
CA ASN A 39 22.89 32.92 -2.67
C ASN A 39 21.66 32.38 -2.00
N PRO A 40 21.24 33.02 -0.91
CA PRO A 40 20.37 32.37 -0.02
C PRO A 40 18.97 32.36 -0.50
N GLY A 41 18.22 31.34 -0.12
CA GLY A 41 16.86 31.17 -0.55
C GLY A 41 16.01 30.58 0.52
N PRO A 42 14.78 30.33 0.19
CA PRO A 42 13.83 29.94 1.22
C PRO A 42 14.19 28.59 1.76
N PHE A 43 14.94 27.79 1.00
CA PHE A 43 15.34 26.46 1.54
C PHE A 43 16.75 26.33 2.09
N GLY A 44 17.50 27.44 2.16
CA GLY A 44 18.82 27.43 2.71
C GLY A 44 19.92 28.00 1.82
N ASP A 45 21.15 27.80 2.24
CA ASP A 45 22.28 28.29 1.53
C ASP A 45 23.40 27.36 1.89
N VAL A 46 24.35 27.20 0.96
CA VAL A 46 25.50 26.34 1.20
C VAL A 46 26.41 26.83 2.29
N LEU A 47 26.33 28.11 2.64
CA LEU A 47 27.14 28.63 3.74
C LEU A 47 26.33 28.67 5.06
N CYS A 48 25.09 28.16 5.06
CA CYS A 48 24.28 28.12 6.25
C CYS A 48 23.80 26.71 6.67
N ASP A 49 23.44 26.57 7.94
CA ASP A 49 22.83 25.34 8.40
C ASP A 49 21.34 25.42 8.01
N SER A 50 20.54 24.40 8.34
CA SER A 50 19.22 24.25 7.77
C SER A 50 18.24 25.23 8.35
N PRO A 51 17.51 25.95 7.50
CA PRO A 51 16.36 26.63 8.07
C PRO A 51 15.28 25.65 8.40
N TYR A 52 14.36 26.04 9.26
CA TYR A 52 13.25 25.19 9.63
C TYR A 52 12.50 24.67 8.41
N GLN A 53 12.28 25.53 7.42
CA GLN A 53 11.50 25.18 6.25
C GLN A 53 12.12 23.98 5.51
N LEU A 54 13.45 23.89 5.52
CA LEU A 54 14.14 22.81 4.82
C LEU A 54 13.86 21.49 5.52
N ILE A 55 13.99 21.53 6.83
CA ILE A 55 13.70 20.37 7.67
C ILE A 55 12.27 19.93 7.56
N LEU A 56 11.39 20.90 7.62
CA LEU A 56 9.96 20.60 7.51
C LEU A 56 9.68 19.95 6.12
N SER A 57 10.33 20.44 5.08
CA SER A 57 10.09 19.91 3.76
C SER A 57 10.59 18.47 3.64
N ALA A 58 11.65 18.15 4.34
CA ALA A 58 12.12 16.80 4.27
C ALA A 58 11.08 15.87 4.88
N PHE A 59 10.51 16.27 5.99
CA PHE A 59 9.56 15.41 6.71
C PHE A 59 8.21 15.39 5.96
N ASP A 60 7.95 16.48 5.27
CA ASP A 60 6.77 16.61 4.44
C ASP A 60 6.86 15.67 3.22
N PHE A 61 8.02 15.60 2.58
CA PHE A 61 8.26 14.65 1.51
C PHE A 61 8.06 13.21 2.06
N ILE A 62 8.68 12.92 3.16
CA ILE A 62 8.47 11.63 3.70
C ILE A 62 6.97 11.32 3.79
N LYS A 63 6.23 12.17 4.51
CA LYS A 63 4.78 12.02 4.64
C LYS A 63 4.07 11.82 3.34
N ASN A 64 4.50 12.48 2.30
CA ASN A 64 3.82 12.42 1.01
C ASN A 64 4.55 11.63 -0.05
N SER A 65 5.60 10.88 0.29
CA SER A 65 6.37 10.14 -0.74
C SER A 65 5.62 8.92 -1.21
N GLY A 66 4.55 8.63 -0.52
CA GLY A 66 3.89 7.41 -0.72
C GLY A 66 4.81 6.25 -0.47
N GLN A 67 5.60 6.28 0.60
CA GLN A 67 6.34 5.13 1.04
C GLN A 67 5.94 4.82 2.47
N GLU A 68 5.65 3.56 2.69
CA GLU A 68 5.16 3.05 3.93
C GLU A 68 6.43 2.71 4.72
N ALA A 69 6.50 3.01 6.03
CA ALA A 69 7.64 2.55 6.84
C ALA A 69 7.27 2.06 8.21
N SER A 70 8.04 1.10 8.72
CA SER A 70 7.84 0.59 10.06
C SER A 70 8.59 1.31 11.19
N PHE A 71 9.63 2.04 10.86
CA PHE A 71 10.30 2.87 11.83
C PHE A 71 11.26 3.84 11.16
N MET A 72 11.93 4.62 11.98
CA MET A 72 12.85 5.63 11.48
C MET A 72 14.03 5.68 12.38
N ILE A 73 15.20 5.78 11.78
CA ILE A 73 16.48 5.97 12.44
CA ILE A 73 16.41 6.02 12.56
C ILE A 73 16.88 7.46 12.35
N TRP A 74 17.36 8.06 13.43
CA TRP A 74 17.65 9.48 13.47
C TRP A 74 18.94 9.71 14.20
N THR A 75 20.04 9.86 13.48
CA THR A 75 21.35 9.77 14.10
C THR A 75 21.99 11.12 14.52
N GLY A 76 21.15 12.04 14.96
CA GLY A 76 21.63 13.16 15.74
C GLY A 76 22.08 14.41 15.02
N ASP A 77 22.81 15.26 15.75
CA ASP A 77 23.28 16.62 15.33
C ASP A 77 22.13 17.58 14.97
N SER A 78 21.42 18.09 15.97
CA SER A 78 20.31 19.02 15.71
C SER A 78 20.65 20.51 15.81
N PRO A 79 21.49 20.93 16.77
CA PRO A 79 21.87 22.34 16.82
C PRO A 79 22.80 22.70 15.69
N PRO A 80 22.94 23.99 15.36
CA PRO A 80 23.76 24.48 14.25
C PRO A 80 25.21 24.67 14.58
N HIS A 81 25.99 24.89 13.53
CA HIS A 81 27.39 25.14 13.71
C HIS A 81 27.61 26.60 14.00
N VAL A 82 27.46 26.98 15.27
CA VAL A 82 27.84 28.34 15.68
C VAL A 82 28.92 28.18 16.70
N PRO A 83 29.69 29.22 16.96
CA PRO A 83 30.70 29.07 17.99
C PRO A 83 30.08 28.76 19.34
N VAL A 84 30.77 27.92 20.09
CA VAL A 84 30.32 27.45 21.39
C VAL A 84 29.69 28.52 22.34
N PRO A 85 30.31 29.71 22.51
CA PRO A 85 29.71 30.74 23.40
C PRO A 85 28.36 31.30 22.96
N GLU A 86 28.03 31.10 21.72
CA GLU A 86 26.75 31.61 21.21
C GLU A 86 25.64 30.62 21.57
N LEU A 87 26.00 29.42 21.98
CA LEU A 87 25.02 28.39 22.35
C LEU A 87 25.04 28.13 23.85
N SER A 88 24.16 27.29 24.35
CA SER A 88 24.17 26.89 25.71
C SER A 88 23.39 25.56 25.88
N THR A 89 23.49 24.95 27.06
CA THR A 89 22.73 23.76 27.40
C THR A 89 21.26 23.96 27.15
N ASP A 90 20.76 25.11 27.52
CA ASP A 90 19.33 25.33 27.42
C ASP A 90 18.91 25.39 25.94
N THR A 91 19.68 26.11 25.13
CA THR A 91 19.36 26.29 23.73
C THR A 91 19.54 25.01 22.94
N VAL A 92 20.60 24.26 23.23
CA VAL A 92 20.76 22.96 22.65
C VAL A 92 19.55 22.07 22.92
N ILE A 93 19.10 22.02 24.17
CA ILE A 93 17.91 21.23 24.54
C ILE A 93 16.67 21.71 23.81
N ASN A 94 16.49 23.01 23.67
CA ASN A 94 15.35 23.45 22.91
C ASN A 94 15.38 23.05 21.47
N VAL A 95 16.55 23.03 20.89
CA VAL A 95 16.63 22.63 19.52
C VAL A 95 16.31 21.14 19.39
N ILE A 96 16.82 20.34 20.31
CA ILE A 96 16.51 18.94 20.24
C ILE A 96 15.04 18.69 20.46
N THR A 97 14.49 19.44 21.42
CA THR A 97 13.07 19.37 21.75
C THR A 97 12.24 19.70 20.55
N ASN A 98 12.59 20.78 19.88
CA ASN A 98 11.90 21.21 18.68
C ASN A 98 11.90 20.16 17.58
N MET A 99 13.06 19.56 17.33
CA MET A 99 13.17 18.51 16.30
C MET A 99 12.30 17.31 16.71
N THR A 100 12.45 16.91 17.96
CA THR A 100 11.66 15.79 18.48
C THR A 100 10.16 16.02 18.39
N THR A 101 9.75 17.14 18.88
CA THR A 101 8.36 17.55 18.81
C THR A 101 7.87 17.62 17.38
N THR A 102 8.64 18.25 16.53
CA THR A 102 8.28 18.29 15.13
C THR A 102 8.07 16.88 14.52
N ILE A 103 8.97 15.94 14.78
CA ILE A 103 8.79 14.57 14.30
C ILE A 103 7.58 13.86 14.92
N GLN A 104 7.39 14.04 16.22
CA GLN A 104 6.28 13.38 16.93
C GLN A 104 4.93 13.86 16.48
N SER A 105 4.79 15.13 16.17
CA SER A 105 3.57 15.66 15.53
C SER A 105 3.26 15.15 14.18
N LEU A 106 4.27 15.04 13.32
CA LEU A 106 3.99 14.70 11.96
C LEU A 106 3.88 13.21 11.81
N PHE A 107 4.45 12.43 12.73
CA PHE A 107 4.47 10.96 12.60
C PHE A 107 3.99 10.36 13.91
N PRO A 108 2.76 10.67 14.28
CA PRO A 108 2.25 10.25 15.59
C PRO A 108 2.28 8.71 15.86
N ASN A 109 2.29 7.88 14.82
CA ASN A 109 2.33 6.43 15.01
C ASN A 109 3.58 5.75 14.48
N LEU A 110 4.71 6.45 14.47
CA LEU A 110 5.91 5.86 13.97
C LEU A 110 6.89 5.78 15.06
N GLN A 111 7.41 4.60 15.32
CA GLN A 111 8.52 4.49 16.24
C GLN A 111 9.81 5.07 15.59
N VAL A 112 10.56 5.84 16.36
CA VAL A 112 11.73 6.48 15.87
C VAL A 112 12.86 6.16 16.84
N PHE A 113 14.04 5.84 16.32
CA PHE A 113 15.15 5.46 17.14
C PHE A 113 16.24 6.49 17.11
N PRO A 114 16.42 7.28 18.18
CA PRO A 114 17.42 8.33 18.05
C PRO A 114 18.80 7.95 18.54
N ALA A 115 19.79 8.65 18.02
CA ALA A 115 21.09 8.63 18.57
C ALA A 115 21.55 10.09 18.72
N LEU A 116 22.38 10.34 19.72
CA LEU A 116 23.00 11.62 19.93
C LEU A 116 24.18 11.87 19.04
N GLY A 117 24.31 13.12 18.60
CA GLY A 117 25.44 13.56 17.81
C GLY A 117 26.40 14.38 18.64
N ASN A 118 27.49 14.81 18.04
CA ASN A 118 28.51 15.52 18.80
C ASN A 118 28.12 16.96 19.11
N HIS A 119 27.22 17.55 18.28
CA HIS A 119 26.57 18.84 18.53
C HIS A 119 25.33 18.75 19.39
N ASP A 120 24.88 17.56 19.80
CA ASP A 120 23.74 17.48 20.71
C ASP A 120 24.14 17.56 22.19
N TYR A 121 25.03 18.51 22.49
CA TYR A 121 25.51 18.75 23.84
C TYR A 121 26.14 20.13 23.86
N TRP A 122 26.08 20.77 24.99
CA TRP A 122 26.84 22.00 25.18
C TRP A 122 27.89 21.81 26.30
N PRO A 123 29.17 22.03 26.01
CA PRO A 123 29.69 22.41 24.70
C PRO A 123 29.88 21.25 23.72
N GLN A 124 29.74 21.54 22.44
CA GLN A 124 29.84 20.50 21.46
C GLN A 124 31.00 19.59 21.74
N ASP A 125 30.77 18.31 21.46
CA ASP A 125 31.79 17.28 21.51
C ASP A 125 32.15 16.75 22.90
N GLN A 126 31.80 17.45 23.96
CA GLN A 126 32.38 17.08 25.23
C GLN A 126 31.37 16.23 25.96
N LEU A 127 30.92 15.14 25.34
CA LEU A 127 29.84 14.39 25.93
C LEU A 127 30.37 13.54 27.04
N PRO A 128 29.68 13.57 28.18
CA PRO A 128 30.15 12.91 29.39
C PRO A 128 29.78 11.43 29.50
N VAL A 129 30.42 10.85 30.49
CA VAL A 129 30.33 9.43 30.86
C VAL A 129 29.27 9.12 31.96
N VAL A 130 28.72 10.17 32.58
CA VAL A 130 27.76 10.01 33.67
C VAL A 130 26.53 10.79 33.26
N THR A 131 25.43 10.67 33.98
CA THR A 131 24.20 11.37 33.67
C THR A 131 24.49 12.89 33.61
N SER A 132 23.58 13.65 33.00
CA SER A 132 23.83 15.05 32.61
C SER A 132 22.51 15.62 32.31
N LYS A 133 22.33 16.93 32.32
CA LYS A 133 20.98 17.46 32.04
C LYS A 133 20.43 17.02 30.66
N VAL A 134 21.33 16.95 29.68
CA VAL A 134 20.96 16.69 28.31
C VAL A 134 20.48 15.27 28.19
N TYR A 135 21.27 14.35 28.71
CA TYR A 135 20.89 12.95 28.69
C TYR A 135 19.52 12.77 29.36
N ASN A 136 19.25 13.46 30.48
CA ASN A 136 17.94 13.34 31.11
C ASN A 136 16.88 14.07 30.30
N ALA A 137 17.25 15.12 29.60
CA ALA A 137 16.23 15.75 28.74
C ALA A 137 15.85 14.87 27.55
N VAL A 138 16.80 14.21 26.93
CA VAL A 138 16.45 13.44 25.72
C VAL A 138 15.67 12.22 26.14
N ALA A 139 16.06 11.61 27.26
CA ALA A 139 15.26 10.54 27.89
C ALA A 139 13.78 10.93 28.07
N ASN A 140 13.55 12.12 28.61
CA ASN A 140 12.18 12.54 28.74
C ASN A 140 11.54 12.69 27.42
N LEU A 141 12.22 13.34 26.49
CA LEU A 141 11.62 13.60 25.18
C LEU A 141 11.38 12.36 24.38
N TRP A 142 12.20 11.32 24.56
CA TRP A 142 12.13 10.13 23.70
C TRP A 142 11.38 8.94 24.34
N LYS A 143 10.79 9.16 25.51
CA LYS A 143 9.93 8.17 26.18
C LYS A 143 8.84 7.58 25.31
N PRO A 144 8.21 8.39 24.47
CA PRO A 144 7.16 7.83 23.62
C PRO A 144 7.62 6.69 22.70
N TRP A 145 8.92 6.67 22.41
CA TRP A 145 9.47 5.73 21.45
C TRP A 145 10.20 4.58 22.13
N LEU A 146 10.65 4.78 23.35
CA LEU A 146 11.51 3.77 23.98
C LEU A 146 10.91 3.26 25.30
N ASP A 147 11.30 2.04 25.70
CA ASP A 147 10.97 1.42 26.99
C ASP A 147 11.86 1.90 28.13
N GLU A 148 11.43 1.65 29.36
CA GLU A 148 12.10 2.05 30.59
C GLU A 148 13.53 1.62 30.68
N GLU A 149 13.85 0.46 30.14
CA GLU A 149 15.19 -0.08 30.24
C GLU A 149 16.12 0.74 29.36
N ALA A 150 15.63 1.12 28.21
CA ALA A 150 16.38 1.99 27.34
C ALA A 150 16.43 3.40 27.84
N ILE A 151 15.32 3.92 28.35
CA ILE A 151 15.33 5.19 28.98
C ILE A 151 16.34 5.23 30.14
N SER A 152 16.46 4.18 30.94
CA SER A 152 17.45 4.22 32.01
C SER A 152 18.78 4.48 31.47
N THR A 153 19.19 3.68 30.51
CA THR A 153 20.57 3.66 30.09
C THR A 153 20.85 4.96 29.37
N LEU A 154 19.87 5.47 28.67
CA LEU A 154 20.05 6.70 27.99
C LEU A 154 20.45 7.82 28.98
N ARG A 155 19.73 7.94 30.10
CA ARG A 155 20.06 8.91 31.13
C ARG A 155 21.50 8.81 31.64
N LYS A 156 22.09 7.63 31.63
CA LYS A 156 23.39 7.44 32.27
C LYS A 156 24.59 7.59 31.37
N GLY A 157 24.35 7.52 30.07
CA GLY A 157 25.43 7.39 29.09
C GLY A 157 25.09 7.82 27.70
N GLY A 158 23.84 8.18 27.44
CA GLY A 158 23.40 8.57 26.12
C GLY A 158 23.33 7.45 25.09
N PHE A 159 23.25 6.19 25.54
CA PHE A 159 23.12 5.04 24.67
C PHE A 159 22.01 4.15 25.17
N TYR A 160 21.46 3.28 24.31
CA TYR A 160 20.40 2.35 24.69
C TYR A 160 20.24 1.22 23.66
N SER A 161 19.52 0.15 24.01
CA SER A 161 19.00 -0.73 22.95
C SER A 161 17.51 -0.84 23.10
N GLN A 162 16.81 -1.23 22.05
CA GLN A 162 15.35 -1.23 22.03
C GLN A 162 14.85 -2.11 20.90
N LYS A 163 13.87 -2.96 21.18
CA LYS A 163 13.29 -3.87 20.22
C LYS A 163 12.26 -3.10 19.42
N VAL A 164 12.08 -3.46 18.16
CA VAL A 164 11.24 -2.71 17.27
C VAL A 164 9.82 -3.15 17.48
N THR A 165 8.90 -2.23 17.65
CA THR A 165 7.54 -2.67 17.95
C THR A 165 6.88 -3.54 16.90
N THR A 166 7.10 -3.26 15.63
CA THR A 166 6.58 -4.08 14.54
C THR A 166 7.44 -5.31 14.20
N ASN A 167 8.63 -5.46 14.78
CA ASN A 167 9.49 -6.60 14.50
C ASN A 167 10.27 -6.93 15.75
N PRO A 168 9.60 -7.43 16.80
CA PRO A 168 10.21 -7.46 18.14
C PRO A 168 11.46 -8.34 18.33
N ASN A 169 11.77 -9.19 17.35
CA ASN A 169 13.08 -9.87 17.31
C ASN A 169 14.16 -9.08 16.54
N LEU A 170 13.87 -7.84 16.16
CA LEU A 170 14.88 -6.95 15.69
C LEU A 170 15.15 -5.93 16.78
N ARG A 171 16.40 -5.85 17.19
CA ARG A 171 16.78 -4.92 18.22
C ARG A 171 17.71 -3.87 17.65
N ILE A 172 17.39 -2.59 17.87
CA ILE A 172 18.25 -1.48 17.51
C ILE A 172 19.15 -1.16 18.69
N ILE A 173 20.46 -1.05 18.46
CA ILE A 173 21.41 -0.65 19.49
C ILE A 173 21.91 0.73 19.11
N SER A 174 21.64 1.74 19.95
CA SER A 174 21.95 3.13 19.61
C SER A 174 23.14 3.55 20.43
N LEU A 175 24.30 3.62 19.83
CA LEU A 175 25.48 3.93 20.52
C LEU A 175 25.74 5.42 20.58
N ASN A 176 26.49 5.82 21.62
CA ASN A 176 27.08 7.15 21.76
C ASN A 176 28.52 7.04 21.37
N THR A 177 28.78 7.17 20.08
CA THR A 177 30.14 7.07 19.63
C THR A 177 30.81 8.39 19.87
N ASN A 178 30.04 9.40 20.29
CA ASN A 178 30.64 10.69 20.54
C ASN A 178 31.64 10.52 21.68
N LEU A 179 31.39 9.55 22.53
CA LEU A 179 32.32 9.26 23.58
C LEU A 179 33.71 8.96 23.05
N TYR A 180 33.80 8.40 21.84
CA TYR A 180 35.07 8.02 21.23
C TYR A 180 35.67 9.01 20.24
N TYR A 181 35.03 10.15 20.05
CA TYR A 181 35.45 11.15 19.08
C TYR A 181 36.65 12.00 19.55
N GLY A 182 37.62 12.15 18.66
CA GLY A 182 38.89 12.80 18.93
C GLY A 182 38.86 13.99 19.86
N PRO A 183 38.05 15.00 19.54
CA PRO A 183 37.99 16.20 20.37
C PRO A 183 37.33 16.10 21.73
N ASN A 184 36.80 14.93 22.09
CA ASN A 184 36.08 14.81 23.37
C ASN A 184 37.07 14.65 24.54
N ILE A 185 37.27 15.75 25.26
CA ILE A 185 38.26 15.80 26.33
C ILE A 185 37.82 15.00 27.55
N MET A 186 36.52 14.74 27.69
CA MET A 186 35.99 14.14 28.89
C MET A 186 36.32 12.67 28.98
N THR A 187 36.65 12.04 27.87
CA THR A 187 36.86 10.62 27.88
C THR A 187 38.33 10.27 27.74
N LEU A 188 39.20 11.27 27.68
CA LEU A 188 40.64 10.97 27.54
C LEU A 188 41.13 10.03 28.62
N ASN A 189 41.91 9.07 28.18
CA ASN A 189 42.54 8.06 29.02
C ASN A 189 41.57 7.11 29.72
N LYS A 190 40.31 7.11 29.31
CA LYS A 190 39.34 6.08 29.74
C LYS A 190 39.32 4.88 28.81
N THR A 191 39.38 3.72 29.43
CA THR A 191 39.46 2.47 28.71
C THR A 191 38.10 2.01 28.19
N ASP A 192 37.05 2.25 28.95
CA ASP A 192 35.71 1.93 28.53
C ASP A 192 34.75 3.03 29.00
N PRO A 193 34.76 4.18 28.35
CA PRO A 193 33.87 5.25 28.78
C PRO A 193 32.36 4.92 28.81
N ALA A 194 31.79 5.24 29.95
CA ALA A 194 30.41 4.96 30.28
C ALA A 194 30.11 3.49 30.29
N ASN A 195 31.13 2.66 30.29
CA ASN A 195 30.92 1.22 30.23
C ASN A 195 30.29 0.68 28.90
N GLN A 196 30.38 1.47 27.86
CA GLN A 196 29.66 1.15 26.66
C GLN A 196 30.15 -0.11 26.08
N PHE A 197 31.43 -0.35 26.16
CA PHE A 197 31.95 -1.57 25.52
C PHE A 197 31.41 -2.78 26.21
N GLU A 198 31.44 -2.79 27.52
CA GLU A 198 30.99 -3.93 28.27
C GLU A 198 29.50 -4.12 28.09
N TRP A 199 28.76 -3.05 28.15
CA TRP A 199 27.33 -3.13 27.86
C TRP A 199 27.01 -3.56 26.41
N LEU A 200 27.83 -3.11 25.45
CA LEU A 200 27.65 -3.50 24.05
C LEU A 200 27.82 -5.02 23.86
N GLU A 201 28.94 -5.56 24.35
CA GLU A 201 29.20 -6.99 24.31
C GLU A 201 28.09 -7.78 24.96
N SER A 202 27.76 -7.35 26.12
CA SER A 202 26.76 -8.06 26.86
C SER A 202 25.39 -8.05 26.11
N THR A 203 25.02 -6.90 25.54
CA THR A 203 23.81 -6.80 24.74
C THR A 203 23.89 -7.66 23.50
N LEU A 204 25.03 -7.68 22.84
CA LEU A 204 25.15 -8.47 21.63
C LEU A 204 25.08 -9.96 21.91
N ASN A 205 25.69 -10.39 23.02
CA ASN A 205 25.57 -11.77 23.51
C ASN A 205 24.11 -12.14 23.77
N ASN A 206 23.40 -11.30 24.50
CA ASN A 206 21.99 -11.55 24.78
C ASN A 206 21.25 -11.75 23.47
N SER A 207 21.47 -10.87 22.53
CA SER A 207 20.76 -10.91 21.27
C SER A 207 20.99 -12.23 20.55
N GLN A 208 22.23 -12.61 20.51
CA GLN A 208 22.65 -13.78 19.78
C GLN A 208 22.00 -15.02 20.32
N GLN A 209 21.71 -15.00 21.61
CA GLN A 209 21.16 -16.14 22.33
C GLN A 209 19.65 -16.15 22.40
N ASN A 210 19.04 -15.03 22.01
CA ASN A 210 17.61 -14.87 22.02
C ASN A 210 17.06 -14.74 20.64
N LYS A 211 17.80 -15.27 19.67
CA LYS A 211 17.38 -15.30 18.30
C LYS A 211 16.97 -13.94 17.80
N GLU A 212 17.76 -12.93 18.12
CA GLU A 212 17.54 -11.57 17.66
C GLU A 212 18.55 -11.19 16.59
N LYS A 213 18.17 -10.27 15.72
CA LYS A 213 19.10 -9.50 14.92
C LYS A 213 19.19 -8.09 15.46
N VAL A 214 20.30 -7.45 15.09
CA VAL A 214 20.66 -6.14 15.55
C VAL A 214 21.03 -5.25 14.39
N TYR A 215 20.48 -4.04 14.42
CA TYR A 215 20.97 -2.91 13.63
C TYR A 215 21.69 -2.01 14.60
N ILE A 216 22.92 -1.71 14.31
CA ILE A 216 23.68 -0.72 15.08
C ILE A 216 23.49 0.67 14.48
N ILE A 217 23.27 1.65 15.37
CA ILE A 217 22.92 3.05 15.07
C ILE A 217 23.78 3.97 15.92
N ALA A 218 24.38 4.98 15.29
CA ALA A 218 25.29 5.87 16.00
C ALA A 218 25.60 7.08 15.18
N HIS A 219 26.27 8.06 15.77
CA HIS A 219 26.62 9.29 15.03
C HIS A 219 27.98 9.26 14.33
N VAL A 220 29.06 9.37 15.07
CA VAL A 220 30.39 9.18 14.51
C VAL A 220 30.60 7.74 14.08
N PRO A 221 31.01 7.51 12.82
CA PRO A 221 31.27 6.21 12.33
C PRO A 221 32.58 5.65 12.75
N VAL A 222 32.70 4.34 12.70
CA VAL A 222 33.99 3.71 12.83
C VAL A 222 34.79 3.92 11.56
N GLY A 223 36.08 3.57 11.58
CA GLY A 223 36.87 3.58 10.34
C GLY A 223 37.54 4.90 9.98
N TYR A 224 38.08 4.94 8.78
CA TYR A 224 38.78 6.08 8.24
C TYR A 224 37.92 7.01 7.40
N LEU A 225 38.17 8.30 7.56
CA LEU A 225 37.47 9.35 6.83
C LEU A 225 37.86 9.28 5.36
N PRO A 226 36.88 9.25 4.45
CA PRO A 226 37.27 8.97 3.10
C PRO A 226 38.00 10.07 2.38
N SER A 227 38.06 11.29 2.90
N SER A 227 38.07 11.24 3.00
CA SER A 227 38.75 12.37 2.17
CA SER A 227 38.62 12.48 2.45
C SER A 227 40.05 12.83 2.80
C SER A 227 40.13 12.66 2.66
N SER A 228 40.63 12.01 3.69
CA SER A 228 41.96 12.31 4.26
C SER A 228 42.79 11.03 4.41
N GLN A 229 43.99 11.18 4.94
CA GLN A 229 44.92 10.07 5.04
C GLN A 229 45.22 9.77 6.49
N ASN A 230 45.00 8.53 6.86
CA ASN A 230 45.28 8.02 8.21
C ASN A 230 44.56 8.77 9.34
N ILE A 231 43.46 9.45 9.02
CA ILE A 231 42.61 10.08 10.02
C ILE A 231 41.32 9.28 10.25
N THR A 232 41.20 8.65 11.42
CA THR A 232 39.91 8.16 11.93
C THR A 232 39.17 9.26 12.72
N ALA A 233 37.84 9.26 12.67
CA ALA A 233 37.04 10.20 13.47
C ALA A 233 37.19 9.84 14.93
N MET A 234 37.03 8.55 15.24
CA MET A 234 37.20 8.10 16.60
C MET A 234 38.68 8.01 16.85
N ARG A 235 39.10 8.11 18.11
CA ARG A 235 40.49 7.80 18.43
C ARG A 235 40.72 6.34 18.10
N GLU A 236 41.88 6.07 17.54
CA GLU A 236 42.22 4.76 17.01
C GLU A 236 41.97 3.65 17.97
N TYR A 237 42.28 3.90 19.24
CA TYR A 237 42.11 2.88 20.30
C TYR A 237 40.68 2.40 20.38
N TYR A 238 39.72 3.31 20.36
CA TYR A 238 38.33 2.91 20.39
C TYR A 238 37.83 2.39 19.03
N ASN A 239 38.35 2.90 17.94
CA ASN A 239 37.98 2.37 16.65
C ASN A 239 38.30 0.89 16.62
N GLU A 240 39.57 0.54 16.93
CA GLU A 240 40.04 -0.86 17.01
C GLU A 240 39.21 -1.74 17.97
N LYS A 241 38.80 -1.22 19.11
CA LYS A 241 38.03 -2.03 20.03
C LYS A 241 36.65 -2.32 19.47
N LEU A 242 36.02 -1.32 18.84
CA LEU A 242 34.67 -1.53 18.29
C LEU A 242 34.76 -2.50 17.13
N ILE A 243 35.83 -2.40 16.36
CA ILE A 243 35.99 -3.28 15.20
C ILE A 243 35.98 -4.71 15.69
N ASP A 244 36.86 -5.03 16.64
CA ASP A 244 36.93 -6.37 17.17
C ASP A 244 35.62 -6.84 17.74
N ILE A 245 34.91 -6.01 18.50
CA ILE A 245 33.56 -6.39 18.93
C ILE A 245 32.59 -6.65 17.78
N PHE A 246 32.58 -5.82 16.76
CA PHE A 246 31.72 -6.04 15.60
C PHE A 246 32.10 -7.30 14.83
N GLN A 247 33.37 -7.68 14.86
CA GLN A 247 33.81 -8.94 14.24
C GLN A 247 33.36 -10.13 15.05
N LYS A 248 33.53 -10.09 16.38
CA LYS A 248 33.01 -11.16 17.24
C LYS A 248 31.53 -11.41 16.97
N TYR A 249 30.75 -10.38 16.66
CA TYR A 249 29.31 -10.54 16.55
C TYR A 249 28.77 -10.21 15.19
N SER A 250 29.60 -10.33 14.17
CA SER A 250 29.14 -10.08 12.82
C SER A 250 27.91 -10.88 12.39
N ASP A 251 27.73 -12.08 12.93
CA ASP A 251 26.50 -12.88 12.70
C ASP A 251 25.22 -12.17 13.12
N VAL A 252 25.14 -11.69 14.36
CA VAL A 252 23.91 -11.03 14.85
C VAL A 252 23.58 -9.68 14.20
N ILE A 253 24.62 -8.91 13.87
CA ILE A 253 24.48 -7.57 13.39
C ILE A 253 24.18 -7.70 11.92
N ALA A 254 23.09 -7.15 11.48
CA ALA A 254 22.67 -7.29 10.14
C ALA A 254 22.87 -6.00 9.38
N GLY A 255 23.35 -4.95 10.04
CA GLY A 255 23.61 -3.67 9.41
C GLY A 255 24.02 -2.60 10.43
N GLN A 256 24.88 -1.67 9.97
CA GLN A 256 25.29 -0.51 10.75
C GLN A 256 25.00 0.81 10.01
N PHE A 257 24.59 1.83 10.77
CA PHE A 257 24.14 3.09 10.20
C PHE A 257 24.69 4.28 10.98
N TYR A 258 25.29 5.21 10.27
CA TYR A 258 26.05 6.31 10.87
C TYR A 258 25.74 7.63 10.18
N GLY A 259 26.16 8.73 10.74
CA GLY A 259 26.02 10.03 10.10
C GLY A 259 27.33 10.77 10.18
N HIS A 260 27.24 12.05 10.65
CA HIS A 260 28.34 12.91 11.10
C HIS A 260 29.16 13.49 10.01
N THR A 261 29.69 12.66 9.12
CA THR A 261 30.39 13.18 7.95
C THR A 261 29.60 14.01 6.99
N HIS A 262 28.29 13.87 6.90
CA HIS A 262 27.46 14.60 5.96
C HIS A 262 27.61 14.10 4.52
N ARG A 263 28.19 12.92 4.36
CA ARG A 263 28.45 12.32 3.06
C ARG A 263 27.86 10.96 2.94
N ASP A 264 27.68 10.53 1.70
CA ASP A 264 27.17 9.24 1.37
C ASP A 264 28.30 8.21 1.12
N SER A 265 28.53 7.32 2.08
CA SER A 265 29.56 6.31 1.99
C SER A 265 29.07 4.94 2.44
N ILE A 266 29.88 3.95 2.08
CA ILE A 266 29.75 2.64 2.65
C ILE A 266 31.06 2.17 3.18
N MET A 267 31.00 1.23 4.10
CA MET A 267 32.21 0.50 4.50
C MET A 267 31.84 -0.94 4.56
N VAL A 268 32.84 -1.77 4.35
CA VAL A 268 32.67 -3.22 4.51
C VAL A 268 33.60 -3.73 5.53
N LEU A 269 33.08 -4.26 6.61
CA LEU A 269 33.92 -4.81 7.67
C LEU A 269 34.20 -6.23 7.36
N SER A 270 35.45 -6.60 7.44
CA SER A 270 35.87 -7.98 7.18
C SER A 270 36.30 -8.62 8.46
N ASP A 271 36.24 -9.93 8.47
CA ASP A 271 36.61 -10.66 9.67
C ASP A 271 38.12 -10.79 9.70
N LYS A 272 38.66 -11.33 10.77
CA LYS A 272 40.13 -11.38 10.96
C LYS A 272 40.88 -12.09 9.82
N LYS A 273 40.21 -13.00 9.15
CA LYS A 273 40.76 -13.71 8.01
C LYS A 273 40.51 -13.03 6.65
N GLY A 274 39.98 -11.79 6.61
CA GLY A 274 39.80 -11.06 5.33
C GLY A 274 38.47 -11.27 4.58
N SER A 275 37.56 -12.00 5.20
CA SER A 275 36.26 -12.24 4.65
C SER A 275 35.24 -11.16 5.06
N PRO A 276 34.47 -10.64 4.11
CA PRO A 276 33.57 -9.58 4.45
C PRO A 276 32.37 -10.09 5.24
N VAL A 277 32.03 -9.42 6.34
CA VAL A 277 30.96 -9.89 7.21
C VAL A 277 29.97 -8.87 7.71
N ASN A 278 30.17 -7.59 7.48
CA ASN A 278 29.20 -6.57 7.90
C ASN A 278 29.22 -5.42 6.94
N SER A 279 28.02 -4.90 6.64
CA SER A 279 27.83 -3.75 5.84
C SER A 279 27.56 -2.53 6.70
N LEU A 280 28.19 -1.40 6.36
CA LEU A 280 27.98 -0.17 7.11
C LEU A 280 27.67 0.98 6.14
N PHE A 281 26.70 1.80 6.52
CA PHE A 281 26.15 2.85 5.71
C PHE A 281 26.14 4.21 6.39
N VAL A 282 26.90 5.15 5.81
CA VAL A 282 26.94 6.48 6.29
C VAL A 282 26.02 7.33 5.45
N ALA A 283 25.06 7.95 6.11
CA ALA A 283 24.04 8.69 5.39
C ALA A 283 24.42 10.13 5.39
N PRO A 284 24.13 10.84 4.32
CA PRO A 284 24.46 12.28 4.29
C PRO A 284 23.42 13.21 5.05
N ALA A 285 23.77 14.46 5.25
CA ALA A 285 22.99 15.34 6.08
C ALA A 285 21.89 15.93 5.31
N VAL A 286 20.89 16.42 6.06
CA VAL A 286 19.91 17.36 5.55
C VAL A 286 20.51 18.75 5.38
N THR A 287 21.30 19.21 6.37
CA THR A 287 21.91 20.53 6.19
C THR A 287 22.90 20.45 5.02
N PRO A 288 23.05 21.54 4.27
CA PRO A 288 24.00 21.67 3.20
C PRO A 288 25.26 22.40 3.56
N VAL A 289 25.40 22.77 4.81
CA VAL A 289 26.39 23.76 5.14
C VAL A 289 27.83 23.39 4.75
N LYS A 290 28.63 24.36 4.30
CA LYS A 290 30.06 24.14 4.29
C LYS A 290 30.82 25.40 4.63
N SER A 291 32.13 25.25 4.74
CA SER A 291 33.01 26.38 4.87
CA SER A 291 33.04 26.36 4.85
C SER A 291 33.21 27.07 3.53
N VAL A 292 33.58 28.33 3.60
CA VAL A 292 33.81 29.11 2.42
C VAL A 292 34.91 28.53 1.58
N LEU A 293 35.93 27.94 2.20
CA LEU A 293 37.07 27.44 1.41
C LEU A 293 36.90 26.10 0.77
N GLU A 294 35.82 25.40 1.12
CA GLU A 294 35.46 24.11 0.49
C GLU A 294 34.83 24.30 -0.87
N LYS A 295 35.33 23.60 -1.86
CA LYS A 295 34.67 23.57 -3.13
C LYS A 295 33.35 22.85 -3.12
N GLN A 296 33.27 21.74 -2.41
CA GLN A 296 32.09 20.90 -2.45
C GLN A 296 31.32 20.89 -1.13
N THR A 297 30.02 20.63 -1.19
CA THR A 297 29.26 20.27 -0.01
C THR A 297 28.31 19.18 -0.44
N ASN A 298 27.39 18.75 0.41
CA ASN A 298 26.30 17.84 -0.03
C ASN A 298 25.03 18.61 -0.28
N ASN A 299 24.20 18.14 -1.21
CA ASN A 299 22.83 18.55 -1.21
C ASN A 299 22.15 17.83 -0.06
N PRO A 300 21.03 18.38 0.40
CA PRO A 300 20.29 17.71 1.47
C PRO A 300 19.77 16.33 1.06
N GLY A 301 19.84 15.39 2.02
CA GLY A 301 19.50 14.00 1.75
C GLY A 301 18.65 13.31 2.80
N ILE A 302 17.86 12.34 2.36
CA ILE A 302 17.00 11.56 3.21
C ILE A 302 17.05 10.18 2.58
N ARG A 303 17.09 9.10 3.35
CA ARG A 303 17.12 7.81 2.71
C ARG A 303 16.20 6.76 3.32
N LEU A 304 15.96 5.71 2.52
CA LEU A 304 15.01 4.68 2.84
C LEU A 304 15.60 3.30 2.61
N PHE A 305 15.62 2.46 3.64
CA PHE A 305 16.19 1.12 3.54
C PHE A 305 15.05 0.12 3.41
N GLN A 306 15.33 -0.94 2.64
CA GLN A 306 14.40 -2.08 2.50
C GLN A 306 15.04 -3.29 3.11
N TYR A 307 14.26 -4.01 3.90
CA TYR A 307 14.76 -5.20 4.55
C TYR A 307 13.76 -6.37 4.43
N ASP A 308 14.31 -7.56 4.57
CA ASP A 308 13.57 -8.80 4.56
C ASP A 308 13.08 -9.00 5.98
N PRO A 309 11.77 -9.08 6.19
CA PRO A 309 11.26 -9.18 7.56
C PRO A 309 11.47 -10.46 8.28
N ARG A 310 12.01 -11.48 7.64
CA ARG A 310 12.26 -12.78 8.29
C ARG A 310 13.61 -12.80 8.98
N ASP A 311 14.69 -12.48 8.28
CA ASP A 311 16.02 -12.46 8.89
C ASP A 311 16.61 -11.02 9.03
N TYR A 312 15.90 -10.00 8.59
CA TYR A 312 16.40 -8.61 8.67
C TYR A 312 17.60 -8.26 7.79
N LYS A 313 17.84 -9.09 6.81
CA LYS A 313 18.77 -8.86 5.73
C LYS A 313 18.39 -7.58 4.98
N LEU A 314 19.38 -6.76 4.67
CA LEU A 314 19.13 -5.53 3.87
C LEU A 314 19.02 -5.81 2.36
N LEU A 315 17.90 -5.44 1.75
CA LEU A 315 17.69 -5.69 0.35
C LEU A 315 18.03 -4.52 -0.54
N ASP A 316 17.75 -3.32 -0.09
CA ASP A 316 18.04 -2.20 -0.92
C ASP A 316 18.09 -0.92 -0.10
N MET A 317 18.46 0.14 -0.80
CA MET A 317 18.38 1.49 -0.23
C MET A 317 18.07 2.49 -1.28
N LEU A 318 17.18 3.40 -0.94
CA LEU A 318 16.74 4.49 -1.83
C LEU A 318 17.21 5.78 -1.24
N GLN A 319 17.97 6.57 -2.00
CA GLN A 319 18.57 7.82 -1.54
C GLN A 319 17.88 8.94 -2.17
N TYR A 320 17.34 9.86 -1.37
CA TYR A 320 16.56 10.98 -1.90
C TYR A 320 17.29 12.24 -1.59
N TYR A 321 17.04 13.27 -2.40
CA TYR A 321 17.74 14.49 -2.21
C TYR A 321 16.93 15.63 -2.68
N LEU A 322 17.37 16.81 -2.23
CA LEU A 322 16.82 18.07 -2.67
C LEU A 322 17.91 18.81 -3.42
N ASN A 323 17.64 19.11 -4.68
CA ASN A 323 18.51 20.00 -5.45
C ASN A 323 18.28 21.41 -4.91
N LEU A 324 19.15 21.76 -4.01
CA LEU A 324 19.09 23.02 -3.32
C LEU A 324 18.98 24.20 -4.24
N THR A 325 19.82 24.22 -5.24
CA THR A 325 19.86 25.30 -6.18
C THR A 325 18.52 25.41 -6.85
N GLU A 326 17.99 24.29 -7.32
CA GLU A 326 16.76 24.30 -8.08
C GLU A 326 15.63 24.79 -7.20
N ALA A 327 15.59 24.32 -5.98
CA ALA A 327 14.54 24.59 -5.06
C ALA A 327 14.51 26.04 -4.72
N ASN A 328 15.66 26.61 -4.41
CA ASN A 328 15.66 28.04 -4.20
C ASN A 328 15.36 28.85 -5.46
N LEU A 329 15.78 28.42 -6.63
CA LEU A 329 15.42 29.14 -7.85
C LEU A 329 13.91 29.17 -7.99
N LYS A 330 13.23 28.07 -7.71
CA LYS A 330 11.78 28.00 -7.93
C LYS A 330 10.98 28.28 -6.67
N GLY A 331 11.62 28.42 -5.55
CA GLY A 331 10.85 28.38 -4.32
C GLY A 331 9.92 27.19 -4.20
N GLU A 332 10.35 26.01 -4.61
CA GLU A 332 9.55 24.80 -4.40
C GLU A 332 10.39 23.65 -3.84
N SER A 333 9.82 22.87 -2.96
CA SER A 333 10.45 21.70 -2.34
C SER A 333 10.50 20.51 -3.21
N ILE A 334 11.29 20.46 -4.26
CA ILE A 334 11.28 19.26 -5.09
C ILE A 334 12.28 18.22 -4.57
N TRP A 335 11.84 17.33 -3.70
CA TRP A 335 12.61 16.16 -3.30
C TRP A 335 12.57 15.10 -4.40
N LYS A 336 13.73 14.50 -4.70
CA LYS A 336 13.83 13.54 -5.76
C LYS A 336 14.62 12.33 -5.36
N LEU A 337 14.39 11.26 -6.13
CA LEU A 337 15.14 10.03 -6.02
C LEU A 337 16.50 10.26 -6.65
N GLU A 338 17.58 10.06 -5.90
CA GLU A 338 18.93 10.17 -6.48
C GLU A 338 19.31 8.85 -7.10
N TYR A 339 19.13 7.79 -6.33
CA TYR A 339 19.40 6.45 -6.78
C TYR A 339 18.69 5.40 -5.91
N ILE A 340 18.56 4.21 -6.51
CA ILE A 340 18.23 2.99 -5.88
C ILE A 340 19.52 2.18 -5.93
N LEU A 341 20.06 1.74 -4.81
CA LEU A 341 21.40 1.25 -4.74
C LEU A 341 21.65 0.00 -5.61
N THR A 342 20.78 -1.01 -5.56
CA THR A 342 20.97 -2.19 -6.39
C THR A 342 20.81 -1.92 -7.86
N GLN A 343 19.96 -0.98 -8.24
CA GLN A 343 19.90 -0.59 -9.64
C GLN A 343 21.11 0.18 -10.14
N THR A 344 21.59 1.21 -9.49
CA THR A 344 22.63 1.99 -10.16
C THR A 344 23.90 1.19 -10.24
N TYR A 345 24.16 0.33 -9.27
CA TYR A 345 25.39 -0.42 -9.23
C TYR A 345 25.23 -1.88 -9.69
N ASP A 346 24.01 -2.34 -9.99
CA ASP A 346 23.81 -3.72 -10.40
C ASP A 346 24.48 -4.75 -9.51
N ILE A 347 23.98 -4.88 -8.30
CA ILE A 347 24.41 -5.88 -7.34
C ILE A 347 23.13 -6.41 -6.77
N GLU A 348 23.18 -7.56 -6.15
CA GLU A 348 21.97 -8.24 -5.81
C GLU A 348 21.28 -7.64 -4.63
N ASP A 349 22.04 -7.15 -3.66
CA ASP A 349 21.48 -6.70 -2.38
C ASP A 349 22.57 -5.99 -1.60
N LEU A 350 22.34 -5.71 -0.33
CA LEU A 350 23.28 -4.98 0.48
C LEU A 350 24.11 -5.83 1.45
N GLN A 351 24.20 -7.14 1.18
CA GLN A 351 25.00 -8.00 2.05
C GLN A 351 26.44 -7.66 1.85
N PRO A 352 27.26 -8.01 2.82
CA PRO A 352 28.66 -7.69 2.75
C PRO A 352 29.35 -8.18 1.48
N GLU A 353 29.10 -9.40 1.07
CA GLU A 353 29.75 -9.95 -0.11
C GLU A 353 29.43 -9.12 -1.33
N SER A 354 28.18 -8.69 -1.47
CA SER A 354 27.78 -7.77 -2.57
C SER A 354 28.47 -6.41 -2.50
N LEU A 355 28.50 -5.76 -1.35
CA LEU A 355 29.19 -4.47 -1.27
C LEU A 355 30.69 -4.59 -1.51
N TYR A 356 31.27 -5.69 -1.00
CA TYR A 356 32.68 -5.98 -1.23
C TYR A 356 33.01 -6.08 -2.72
N GLY A 357 32.20 -6.85 -3.45
CA GLY A 357 32.25 -6.90 -4.90
C GLY A 357 32.16 -5.53 -5.54
N LEU A 358 31.20 -4.71 -5.09
CA LEU A 358 31.12 -3.34 -5.63
C LEU A 358 32.41 -2.54 -5.39
N ALA A 359 32.98 -2.62 -4.19
CA ALA A 359 34.20 -1.90 -3.89
C ALA A 359 35.36 -2.36 -4.75
N LYS A 360 35.42 -3.66 -5.00
CA LYS A 360 36.43 -4.21 -5.93
C LYS A 360 36.33 -3.60 -7.30
N GLN A 361 35.12 -3.54 -7.84
CA GLN A 361 34.87 -2.81 -9.06
C GLN A 361 35.36 -1.36 -9.07
N PHE A 362 35.24 -0.64 -7.94
CA PHE A 362 35.76 0.72 -7.86
C PHE A 362 37.26 0.80 -8.10
N THR A 363 37.99 -0.26 -7.74
CA THR A 363 39.44 -0.32 -8.00
C THR A 363 39.80 -0.61 -9.46
N ILE A 364 38.82 -0.80 -10.35
CA ILE A 364 39.11 -0.92 -11.75
C ILE A 364 39.75 0.37 -12.14
N LEU A 365 40.65 0.31 -13.09
CA LEU A 365 41.33 1.50 -13.56
C LEU A 365 40.32 2.29 -14.36
N ASP A 366 40.15 3.55 -13.96
CA ASP A 366 39.13 4.43 -14.53
C ASP A 366 37.69 3.88 -14.38
N SER A 367 37.45 3.17 -13.28
CA SER A 367 36.12 2.68 -12.96
C SER A 367 35.01 3.73 -13.07
N LYS A 368 34.06 3.50 -13.94
CA LYS A 368 32.80 4.24 -13.95
C LYS A 368 31.93 4.11 -12.68
N GLN A 369 31.99 2.94 -12.06
CA GLN A 369 31.30 2.70 -10.81
C GLN A 369 31.80 3.69 -9.75
N PHE A 370 33.14 3.86 -9.65
CA PHE A 370 33.71 4.68 -8.63
C PHE A 370 33.34 6.14 -8.83
N ILE A 371 33.32 6.53 -10.10
CA ILE A 371 32.93 7.87 -10.52
C ILE A 371 31.51 8.24 -10.10
N LYS A 372 30.58 7.35 -10.36
CA LYS A 372 29.24 7.44 -9.84
C LYS A 372 29.25 7.63 -8.33
N TYR A 373 29.95 6.71 -7.66
CA TYR A 373 30.07 6.70 -6.25
C TYR A 373 30.51 8.07 -5.71
N TYR A 374 31.44 8.69 -6.44
CA TYR A 374 32.00 9.94 -6.06
C TYR A 374 30.99 11.11 -6.22
N ASN A 375 30.18 11.07 -7.24
CA ASN A 375 29.16 12.02 -7.35
C ASN A 375 28.10 11.90 -6.24
N TYR A 376 27.64 10.69 -5.98
CA TYR A 376 26.71 10.43 -4.95
C TYR A 376 27.32 10.76 -3.58
N PHE A 377 28.64 10.64 -3.44
CA PHE A 377 29.26 10.95 -2.17
C PHE A 377 28.86 12.33 -1.68
N PHE A 378 28.81 13.27 -2.60
CA PHE A 378 28.36 14.64 -2.33
C PHE A 378 26.88 14.86 -2.60
N VAL A 379 26.07 13.81 -2.62
CA VAL A 379 24.67 13.88 -3.00
C VAL A 379 24.40 14.70 -4.25
N SER A 380 25.28 14.55 -5.21
CA SER A 380 25.25 15.22 -6.50
C SER A 380 25.37 16.73 -6.55
N TYR A 381 26.00 17.33 -5.55
CA TYR A 381 26.18 18.74 -5.52
C TYR A 381 26.83 19.31 -6.80
N ASP A 382 27.85 18.69 -7.34
CA ASP A 382 28.23 19.05 -8.72
C ASP A 382 28.48 17.80 -9.60
N SER A 383 27.63 17.50 -10.58
CA SER A 383 27.99 16.58 -11.69
C SER A 383 29.47 16.54 -12.10
N SER A 384 29.99 17.69 -12.50
CA SER A 384 31.31 17.79 -13.07
C SER A 384 32.37 17.46 -12.04
N VAL A 385 31.98 16.99 -10.86
CA VAL A 385 33.01 16.80 -9.85
C VAL A 385 33.83 15.60 -10.28
N THR A 386 35.11 15.86 -10.40
CA THR A 386 36.09 14.88 -10.83
C THR A 386 36.85 14.47 -9.58
N CYS A 387 37.75 13.53 -9.68
CA CYS A 387 38.51 13.01 -8.53
C CYS A 387 39.89 12.61 -9.04
N ASP A 388 40.93 12.91 -8.28
CA ASP A 388 42.26 12.51 -8.68
C ASP A 388 42.66 11.22 -8.02
N LYS A 389 43.77 10.63 -8.44
CA LYS A 389 44.24 9.34 -7.93
C LYS A 389 44.45 9.22 -6.44
N THR A 390 45.04 10.21 -5.83
CA THR A 390 45.21 10.22 -4.43
C THR A 390 43.87 10.17 -3.65
N CYS A 391 42.92 11.01 -4.03
CA CYS A 391 41.62 10.98 -3.37
C CYS A 391 40.98 9.61 -3.53
N LYS A 392 41.10 9.04 -4.72
CA LYS A 392 40.47 7.77 -4.99
C LYS A 392 41.09 6.73 -4.10
N ALA A 393 42.38 6.77 -3.97
CA ALA A 393 43.02 5.84 -3.10
C ALA A 393 42.51 6.01 -1.65
N PHE A 394 42.39 7.25 -1.19
CA PHE A 394 41.78 7.46 0.16
C PHE A 394 40.35 6.90 0.25
N GLN A 395 39.54 7.06 -0.77
CA GLN A 395 38.20 6.57 -0.76
C GLN A 395 38.16 5.04 -0.71
N ILE A 396 38.83 4.43 -1.68
CA ILE A 396 38.90 2.97 -1.79
C ILE A 396 39.36 2.32 -0.49
N CYS A 397 40.48 2.76 0.03
CA CYS A 397 40.97 2.14 1.20
C CYS A 397 40.04 2.28 2.38
N ALA A 398 39.37 3.41 2.49
CA ALA A 398 38.43 3.61 3.60
C ALA A 398 37.19 2.76 3.49
N ILE A 399 36.74 2.49 2.31
CA ILE A 399 35.63 1.61 2.12
C ILE A 399 35.96 0.21 2.61
N MET A 400 37.15 -0.28 2.29
CA MET A 400 37.44 -1.70 2.48
C MET A 400 38.26 -2.00 3.70
N ASN A 401 38.84 -1.00 4.37
CA ASN A 401 39.78 -1.26 5.45
C ASN A 401 39.57 -0.40 6.65
N LEU A 402 39.03 -0.97 7.72
CA LEU A 402 38.54 -0.18 8.81
C LEU A 402 39.51 -0.03 9.96
N ASP A 403 40.36 -1.03 10.17
CA ASP A 403 41.37 -0.94 11.23
C ASP A 403 42.70 -0.46 10.69
N ASN A 404 43.60 -0.14 11.60
CA ASN A 404 44.92 0.44 11.27
C ASN A 404 45.84 -0.32 10.26
N ILE A 405 45.92 -1.63 10.40
CA ILE A 405 46.93 -2.38 9.69
C ILE A 405 46.52 -2.46 8.21
N SER A 406 45.33 -3.03 8.01
CA SER A 406 44.66 -3.09 6.73
C SER A 406 44.68 -1.77 5.93
N TYR A 407 44.46 -0.66 6.63
CA TYR A 407 44.28 0.60 5.96
C TYR A 407 45.60 1.04 5.43
N ALA A 408 46.61 1.03 6.28
CA ALA A 408 48.02 1.23 5.85
C ALA A 408 48.43 0.26 4.72
N ASP A 409 48.26 -1.01 4.97
CA ASP A 409 48.52 -1.96 3.94
C ASP A 409 47.91 -1.51 2.61
N CYS A 410 46.67 -1.02 2.65
CA CYS A 410 46.03 -0.41 1.47
C CYS A 410 46.65 0.97 1.32
N PRO B 1 10.11 0.61 -10.90
CA PRO B 1 9.87 1.98 -10.32
C PRO B 1 9.34 1.98 -8.85
N PRO B 2 10.09 2.63 -7.92
CA PRO B 2 10.05 2.49 -6.43
C PRO B 2 8.76 2.90 -5.71
N ALA B 3 8.08 3.92 -6.24
CA ALA B 3 6.72 4.24 -5.88
C ALA B 3 5.90 4.62 -7.14
N ILE B 4 4.59 4.58 -6.98
CA ILE B 4 3.63 4.77 -8.09
C ILE B 4 2.72 5.90 -7.72
N GLY B 5 2.65 6.91 -8.60
CA GLY B 5 1.70 8.00 -8.46
C GLY B 5 0.32 7.54 -8.89
N GLN B 6 -0.71 8.07 -8.24
CA GLN B 6 -2.09 7.94 -8.71
C GLN B 6 -3.01 9.20 -8.59
N PHE B 7 -3.85 9.39 -9.59
CA PHE B 7 -4.86 10.46 -9.59
C PHE B 7 -6.14 10.01 -10.31
N TRP B 8 -7.26 10.38 -9.73
CA TRP B 8 -8.58 10.04 -10.30
C TRP B 8 -8.89 11.01 -11.40
N HIS B 9 -9.65 10.57 -12.37
CA HIS B 9 -10.26 11.52 -13.30
C HIS B 9 -11.78 11.38 -13.25
N VAL B 10 -12.46 12.45 -12.84
CA VAL B 10 -13.94 12.52 -12.92
C VAL B 10 -14.44 13.60 -13.87
N THR B 11 -15.55 13.27 -14.56
CA THR B 11 -16.10 14.24 -15.56
C THR B 11 -17.59 14.18 -15.82
N ASP B 12 -18.15 15.34 -16.25
CA ASP B 12 -19.52 15.39 -16.75
C ASP B 12 -20.53 14.67 -15.80
N LEU B 13 -20.55 15.20 -14.56
CA LEU B 13 -21.36 14.67 -13.45
C LEU B 13 -22.85 14.89 -13.76
N HIS B 14 -23.15 16.09 -14.34
CA HIS B 14 -24.51 16.47 -14.85
C HIS B 14 -25.65 16.09 -13.85
N LEU B 15 -25.48 16.61 -12.64
CA LEU B 15 -26.47 16.49 -11.58
C LEU B 15 -27.83 16.96 -12.11
N ASP B 16 -28.84 16.09 -11.96
CA ASP B 16 -30.24 16.53 -12.09
C ASP B 16 -30.91 16.70 -10.75
N PRO B 17 -30.99 17.95 -10.26
CA PRO B 17 -31.56 18.18 -8.92
C PRO B 17 -33.04 17.85 -8.85
N THR B 18 -33.71 17.75 -9.98
CA THR B 18 -35.10 17.32 -10.04
C THR B 18 -35.32 15.85 -9.81
N TYR B 19 -34.28 15.00 -9.90
CA TYR B 19 -34.52 13.55 -10.03
C TYR B 19 -35.28 13.04 -8.79
N HIS B 20 -36.36 12.30 -9.03
CA HIS B 20 -37.02 11.57 -7.96
C HIS B 20 -37.96 10.52 -8.56
N ILE B 21 -38.00 9.38 -7.89
CA ILE B 21 -38.88 8.30 -8.23
C ILE B 21 -40.36 8.64 -7.93
N THR B 22 -41.17 8.51 -9.00
CA THR B 22 -42.58 8.73 -8.97
C THR B 22 -43.27 7.96 -10.10
N ASP B 23 -44.59 7.85 -9.99
CA ASP B 23 -45.42 7.05 -10.90
C ASP B 23 -45.55 7.59 -12.34
N ASP B 24 -45.55 8.90 -12.48
CA ASP B 24 -45.59 9.58 -13.78
C ASP B 24 -44.15 9.68 -14.25
N HIS B 25 -43.74 8.78 -15.15
CA HIS B 25 -42.36 8.65 -15.62
C HIS B 25 -41.97 9.83 -16.53
N THR B 26 -42.94 10.66 -16.92
CA THR B 26 -42.58 11.96 -17.55
C THR B 26 -42.15 13.03 -16.53
N LYS B 27 -42.33 12.76 -15.24
CA LYS B 27 -42.02 13.72 -14.18
C LYS B 27 -40.85 13.26 -13.28
N VAL B 28 -40.18 12.15 -13.60
CA VAL B 28 -38.99 11.71 -12.84
C VAL B 28 -37.84 12.71 -12.91
N CYS B 29 -37.65 13.31 -14.07
CA CYS B 29 -36.50 14.12 -14.24
C CYS B 29 -36.70 15.14 -15.34
N ALA B 30 -36.55 16.41 -14.99
CA ALA B 30 -36.54 17.50 -15.95
C ALA B 30 -35.64 17.21 -17.20
N SER B 31 -34.43 16.68 -16.97
CA SER B 31 -33.54 16.21 -18.07
C SER B 31 -34.13 15.20 -19.13
N SER B 32 -35.32 14.62 -18.88
CA SER B 32 -35.98 13.82 -19.91
C SER B 32 -36.82 14.72 -20.82
N LYS B 33 -36.97 15.99 -20.44
CA LYS B 33 -37.77 16.95 -21.21
C LYS B 33 -39.15 16.43 -21.55
N GLY B 34 -39.76 15.75 -20.60
CA GLY B 34 -41.11 15.28 -20.76
C GLY B 34 -41.23 13.90 -21.37
N ALA B 35 -40.13 13.32 -21.86
CA ALA B 35 -40.20 11.90 -22.27
C ALA B 35 -40.36 10.99 -21.05
N ASN B 36 -40.97 9.86 -21.30
CA ASN B 36 -41.17 8.93 -20.27
C ASN B 36 -39.84 8.30 -19.96
N ALA B 37 -39.30 8.57 -18.79
CA ALA B 37 -38.06 7.96 -18.40
C ALA B 37 -38.35 6.42 -18.48
N SER B 38 -37.33 5.68 -18.89
CA SER B 38 -37.39 4.28 -19.31
C SER B 38 -37.70 3.21 -18.26
N ASN B 39 -36.88 3.17 -17.23
CA ASN B 39 -37.00 2.21 -16.11
C ASN B 39 -36.29 2.84 -14.89
N PRO B 40 -36.87 3.94 -14.34
CA PRO B 40 -36.05 4.76 -13.49
C PRO B 40 -35.81 4.00 -12.24
N GLY B 41 -34.66 4.27 -11.66
CA GLY B 41 -34.27 3.61 -10.43
C GLY B 41 -33.60 4.55 -9.48
N PRO B 42 -33.20 4.05 -8.33
CA PRO B 42 -32.62 4.94 -7.32
C PRO B 42 -31.26 5.49 -7.75
N PHE B 43 -30.57 4.81 -8.67
CA PHE B 43 -29.28 5.33 -9.15
C PHE B 43 -29.28 6.05 -10.49
N GLY B 44 -30.46 6.17 -11.12
CA GLY B 44 -30.56 6.89 -12.40
C GLY B 44 -31.32 6.19 -13.53
N ASP B 45 -31.22 6.75 -14.72
CA ASP B 45 -31.99 6.22 -15.84
C ASP B 45 -31.30 6.78 -17.05
N VAL B 46 -31.38 6.03 -18.16
CA VAL B 46 -30.72 6.33 -19.46
C VAL B 46 -31.36 7.55 -20.12
N LEU B 47 -32.54 7.93 -19.75
CA LEU B 47 -33.17 9.15 -20.25
C LEU B 47 -33.06 10.35 -19.27
N CYS B 48 -32.40 10.10 -18.13
CA CYS B 48 -32.09 11.21 -17.18
C CYS B 48 -30.60 11.55 -17.01
N ASP B 49 -30.29 12.77 -16.61
CA ASP B 49 -28.99 13.06 -16.03
C ASP B 49 -28.87 12.46 -14.63
N SER B 50 -27.70 12.60 -14.00
CA SER B 50 -27.36 11.91 -12.73
C SER B 50 -28.20 12.39 -11.52
N PRO B 51 -28.86 11.46 -10.78
CA PRO B 51 -29.36 11.87 -9.43
C PRO B 51 -28.20 12.08 -8.47
N TYR B 52 -28.41 12.90 -7.44
CA TYR B 52 -27.36 13.13 -6.43
C TYR B 52 -26.78 11.82 -5.87
N GLN B 53 -27.63 10.83 -5.64
CA GLN B 53 -27.27 9.55 -5.08
C GLN B 53 -26.27 8.77 -5.98
N LEU B 54 -26.38 8.97 -7.29
CA LEU B 54 -25.43 8.40 -8.25
C LEU B 54 -24.07 9.06 -8.06
N ILE B 55 -24.05 10.38 -8.09
CA ILE B 55 -22.81 11.07 -7.91
C ILE B 55 -22.16 10.81 -6.60
N LEU B 56 -22.98 10.67 -5.59
CA LEU B 56 -22.50 10.45 -4.20
C LEU B 56 -21.80 9.09 -4.07
N SER B 57 -22.40 8.10 -4.76
CA SER B 57 -21.94 6.73 -4.75
C SER B 57 -20.64 6.59 -5.52
N ALA B 58 -20.51 7.35 -6.58
CA ALA B 58 -19.27 7.32 -7.24
C ALA B 58 -18.17 7.90 -6.29
N PHE B 59 -18.46 8.97 -5.55
CA PHE B 59 -17.41 9.60 -4.71
C PHE B 59 -17.10 8.70 -3.48
N ASP B 60 -18.17 7.99 -3.06
CA ASP B 60 -18.15 6.98 -2.00
C ASP B 60 -17.31 5.75 -2.36
N PHE B 61 -17.53 5.21 -3.57
CA PHE B 61 -16.63 4.18 -4.08
C PHE B 61 -15.17 4.71 -4.04
N ILE B 62 -14.91 5.90 -4.55
CA ILE B 62 -13.57 6.45 -4.42
C ILE B 62 -12.99 6.27 -2.99
N LYS B 63 -13.67 6.89 -2.02
CA LYS B 63 -13.38 6.80 -0.59
C LYS B 63 -13.08 5.42 -0.11
N ASN B 64 -13.83 4.45 -0.61
CA ASN B 64 -13.72 3.05 -0.18
C ASN B 64 -13.05 2.11 -1.18
N SER B 65 -12.51 2.63 -2.29
CA SER B 65 -11.88 1.77 -3.32
C SER B 65 -10.59 1.14 -2.83
N GLY B 66 -10.10 1.62 -1.68
CA GLY B 66 -8.80 1.26 -1.19
C GLY B 66 -7.68 1.74 -2.11
N GLN B 67 -7.92 2.78 -2.89
CA GLN B 67 -6.89 3.29 -3.75
C GLN B 67 -6.45 4.64 -3.21
N GLU B 68 -5.15 4.82 -3.12
CA GLU B 68 -4.53 6.01 -2.60
C GLU B 68 -4.36 7.01 -3.76
N ALA B 69 -4.63 8.30 -3.55
CA ALA B 69 -4.32 9.30 -4.60
C ALA B 69 -3.78 10.65 -4.11
N SER B 70 -2.88 11.13 -4.93
CA SER B 70 -2.23 12.40 -4.76
C SER B 70 -3.08 13.52 -5.27
N PHE B 71 -3.96 13.26 -6.23
CA PHE B 71 -4.87 14.30 -6.62
C PHE B 71 -6.02 13.85 -7.47
N MET B 72 -6.87 14.79 -7.86
CA MET B 72 -8.05 14.52 -8.71
C MET B 72 -8.20 15.60 -9.76
N ILE B 73 -8.46 15.09 -10.94
CA ILE B 73 -8.83 15.87 -12.11
CA ILE B 73 -8.87 15.96 -12.03
C ILE B 73 -10.38 15.83 -12.36
N TRP B 74 -11.03 16.98 -12.57
CA TRP B 74 -12.47 17.10 -12.59
C TRP B 74 -12.81 18.00 -13.74
N THR B 75 -13.10 17.40 -14.89
CA THR B 75 -13.18 18.22 -16.14
C THR B 75 -14.63 18.77 -16.50
N GLY B 76 -15.35 19.24 -15.48
CA GLY B 76 -16.57 20.07 -15.64
C GLY B 76 -17.88 19.37 -15.99
N ASP B 77 -18.83 20.20 -16.36
CA ASP B 77 -20.25 19.78 -16.71
C ASP B 77 -21.26 19.36 -15.59
N SER B 78 -21.31 20.16 -14.54
CA SER B 78 -22.24 19.91 -13.44
C SER B 78 -23.75 20.09 -13.65
N PRO B 79 -24.25 21.26 -14.21
CA PRO B 79 -25.71 21.36 -14.43
C PRO B 79 -26.33 20.27 -15.39
N PRO B 80 -27.65 19.99 -15.31
CA PRO B 80 -28.30 18.96 -16.15
C PRO B 80 -28.60 19.41 -17.60
N HIS B 81 -29.00 18.47 -18.42
CA HIS B 81 -29.31 18.86 -19.80
C HIS B 81 -30.81 19.22 -19.74
N VAL B 82 -31.05 20.49 -19.40
CA VAL B 82 -32.37 21.07 -19.52
C VAL B 82 -32.25 22.23 -20.48
N PRO B 83 -33.40 22.61 -21.06
CA PRO B 83 -33.46 23.79 -21.93
C PRO B 83 -33.04 25.01 -21.19
N VAL B 84 -32.33 25.88 -21.87
CA VAL B 84 -31.77 27.10 -21.29
C VAL B 84 -32.72 27.92 -20.40
N PRO B 85 -33.97 28.22 -20.85
CA PRO B 85 -34.85 29.05 -20.00
C PRO B 85 -35.23 28.43 -18.66
N GLU B 86 -35.11 27.12 -18.55
CA GLU B 86 -35.39 26.46 -17.27
C GLU B 86 -34.21 26.64 -16.27
N LEU B 87 -33.03 26.99 -16.75
CA LEU B 87 -31.88 27.25 -15.89
C LEU B 87 -31.60 28.75 -15.72
N SER B 88 -30.55 29.08 -14.98
CA SER B 88 -30.12 30.44 -14.80
C SER B 88 -28.70 30.46 -14.23
N THR B 89 -28.05 31.64 -14.29
CA THR B 89 -26.72 31.92 -13.68
C THR B 89 -26.67 31.48 -12.20
N ASP B 90 -27.71 31.78 -11.45
CA ASP B 90 -27.74 31.48 -10.02
C ASP B 90 -27.82 29.97 -9.78
N THR B 91 -28.68 29.31 -10.55
CA THR B 91 -28.85 27.86 -10.47
C THR B 91 -27.61 27.11 -10.98
N VAL B 92 -27.01 27.55 -12.09
CA VAL B 92 -25.76 26.99 -12.55
C VAL B 92 -24.71 27.05 -11.43
N ILE B 93 -24.55 28.23 -10.80
CA ILE B 93 -23.59 28.41 -9.69
C ILE B 93 -23.91 27.52 -8.48
N ASN B 94 -25.19 27.39 -8.13
CA ASN B 94 -25.54 26.51 -7.04
C ASN B 94 -25.24 25.05 -7.29
N VAL B 95 -25.38 24.64 -8.53
CA VAL B 95 -25.04 23.27 -8.89
C VAL B 95 -23.56 23.09 -8.82
N ILE B 96 -22.82 24.00 -9.46
CA ILE B 96 -21.37 23.94 -9.35
C ILE B 96 -20.90 23.95 -7.86
N THR B 97 -21.48 24.86 -7.04
CA THR B 97 -21.18 24.94 -5.60
C THR B 97 -21.44 23.63 -4.86
N ASN B 98 -22.58 23.03 -5.18
CA ASN B 98 -22.94 21.73 -4.62
C ASN B 98 -21.93 20.62 -4.90
N MET B 99 -21.53 20.47 -6.18
CA MET B 99 -20.47 19.47 -6.51
C MET B 99 -19.16 19.80 -5.77
N THR B 100 -18.78 21.08 -5.78
CA THR B 100 -17.52 21.53 -5.12
C THR B 100 -17.54 21.23 -3.63
N THR B 101 -18.64 21.62 -2.99
CA THR B 101 -18.82 21.39 -1.54
C THR B 101 -18.82 19.91 -1.22
N THR B 102 -19.56 19.15 -2.02
CA THR B 102 -19.67 17.73 -1.84
C THR B 102 -18.29 17.06 -1.90
N ILE B 103 -17.48 17.43 -2.90
CA ILE B 103 -16.11 16.88 -3.02
C ILE B 103 -15.15 17.36 -1.86
N GLN B 104 -15.23 18.64 -1.50
CA GLN B 104 -14.37 19.17 -0.43
C GLN B 104 -14.71 18.55 0.92
N SER B 105 -15.99 18.26 1.13
CA SER B 105 -16.45 17.49 2.30
C SER B 105 -15.92 16.09 2.42
N LEU B 106 -15.91 15.35 1.30
CA LEU B 106 -15.58 13.93 1.37
C LEU B 106 -14.08 13.70 1.30
N PHE B 107 -13.34 14.72 0.83
CA PHE B 107 -11.92 14.59 0.53
C PHE B 107 -11.23 15.84 1.04
N PRO B 108 -11.34 16.09 2.36
CA PRO B 108 -10.77 17.31 2.95
C PRO B 108 -9.27 17.59 2.63
N ASN B 109 -8.47 16.57 2.36
CA ASN B 109 -7.02 16.71 2.15
C ASN B 109 -6.50 16.37 0.75
N LEU B 110 -7.39 16.43 -0.24
CA LEU B 110 -7.05 16.03 -1.58
C LEU B 110 -7.12 17.24 -2.46
N GLN B 111 -6.01 17.55 -3.12
CA GLN B 111 -6.04 18.59 -4.12
C GLN B 111 -6.84 18.10 -5.36
N VAL B 112 -7.77 18.95 -5.78
CA VAL B 112 -8.64 18.66 -6.88
C VAL B 112 -8.35 19.76 -7.93
N PHE B 113 -8.10 19.36 -9.16
CA PHE B 113 -7.80 20.31 -10.22
C PHE B 113 -9.00 20.39 -11.14
N PRO B 114 -9.75 21.51 -11.10
CA PRO B 114 -10.94 21.42 -11.95
C PRO B 114 -10.82 22.07 -13.33
N ALA B 115 -11.63 21.63 -14.25
CA ALA B 115 -11.77 22.42 -15.43
C ALA B 115 -13.27 22.82 -15.62
N LEU B 116 -13.55 24.00 -16.18
CA LEU B 116 -14.93 24.35 -16.70
C LEU B 116 -15.38 23.59 -17.98
N GLY B 117 -16.69 23.19 -18.05
CA GLY B 117 -17.31 22.63 -19.31
C GLY B 117 -18.33 23.57 -19.97
N ASN B 118 -18.86 23.18 -21.11
CA ASN B 118 -19.80 24.08 -21.87
C ASN B 118 -21.11 24.38 -21.19
N HIS B 119 -21.52 23.46 -20.25
CA HIS B 119 -22.73 23.52 -19.39
C HIS B 119 -22.50 24.12 -17.99
N ASP B 120 -21.26 24.51 -17.66
CA ASP B 120 -21.01 25.27 -16.39
C ASP B 120 -21.02 26.82 -16.60
N TYR B 121 -22.10 27.23 -17.28
CA TYR B 121 -22.38 28.61 -17.65
C TYR B 121 -23.82 28.70 -18.01
N TRP B 122 -24.32 29.91 -17.89
CA TRP B 122 -25.68 30.23 -18.35
C TRP B 122 -25.63 31.47 -19.28
N PRO B 123 -26.15 31.37 -20.50
CA PRO B 123 -26.59 30.13 -21.17
C PRO B 123 -25.46 29.15 -21.60
N GLN B 124 -25.77 27.87 -21.63
CA GLN B 124 -24.78 26.87 -21.82
C GLN B 124 -24.06 27.29 -23.04
N ASP B 125 -22.77 26.95 -23.10
CA ASP B 125 -22.01 27.14 -24.27
C ASP B 125 -21.52 28.53 -24.59
N GLN B 126 -21.95 29.56 -23.87
CA GLN B 126 -21.65 30.94 -24.33
C GLN B 126 -20.61 31.52 -23.43
N LEU B 127 -19.44 30.87 -23.40
CA LEU B 127 -18.47 31.13 -22.38
C LEU B 127 -17.71 32.34 -22.84
N PRO B 128 -17.67 33.40 -21.98
CA PRO B 128 -17.04 34.70 -22.29
C PRO B 128 -15.50 34.74 -22.21
N VAL B 129 -14.97 35.73 -22.89
CA VAL B 129 -13.54 36.04 -22.90
C VAL B 129 -13.09 36.97 -21.74
N VAL B 130 -14.05 37.58 -21.04
CA VAL B 130 -13.74 38.59 -20.01
C VAL B 130 -14.26 38.04 -18.74
N THR B 131 -13.90 38.61 -17.60
CA THR B 131 -14.39 38.13 -16.31
C THR B 131 -15.96 38.16 -16.35
N SER B 132 -16.58 37.39 -15.44
CA SER B 132 -18.05 37.10 -15.45
C SER B 132 -18.39 36.60 -14.07
N LYS B 133 -19.67 36.66 -13.67
CA LYS B 133 -20.06 36.15 -12.32
C LYS B 133 -19.64 34.66 -12.07
N VAL B 134 -19.75 33.84 -13.13
CA VAL B 134 -19.45 32.44 -13.00
C VAL B 134 -17.96 32.23 -12.73
N TYR B 135 -17.16 32.76 -13.62
CA TYR B 135 -15.71 32.72 -13.42
C TYR B 135 -15.33 33.19 -11.98
N ASN B 136 -15.90 34.31 -11.50
CA ASN B 136 -15.59 34.76 -10.15
C ASN B 136 -16.17 33.84 -9.06
N ALA B 137 -17.24 33.12 -9.37
CA ALA B 137 -17.81 32.20 -8.36
C ALA B 137 -16.92 30.98 -8.22
N VAL B 138 -16.44 30.44 -9.35
CA VAL B 138 -15.64 29.21 -9.31
C VAL B 138 -14.27 29.51 -8.73
N ALA B 139 -13.65 30.65 -9.09
CA ALA B 139 -12.48 31.16 -8.37
C ALA B 139 -12.65 31.18 -6.79
N ASN B 140 -13.78 31.68 -6.30
CA ASN B 140 -13.97 31.65 -4.86
C ASN B 140 -14.10 30.25 -4.32
N LEU B 141 -14.84 29.41 -5.04
CA LEU B 141 -15.09 28.02 -4.60
C LEU B 141 -13.84 27.18 -4.69
N TRP B 142 -13.01 27.39 -5.71
CA TRP B 142 -11.82 26.51 -5.93
C TRP B 142 -10.52 27.06 -5.26
N LYS B 143 -10.66 28.15 -4.50
CA LYS B 143 -9.56 28.72 -3.71
C LYS B 143 -8.81 27.72 -2.82
N PRO B 144 -9.52 26.79 -2.19
CA PRO B 144 -8.83 25.80 -1.38
C PRO B 144 -7.81 24.93 -2.17
N TRP B 145 -8.07 24.74 -3.47
CA TRP B 145 -7.22 23.85 -4.30
C TRP B 145 -6.12 24.56 -5.13
N LEU B 146 -6.22 25.87 -5.24
CA LEU B 146 -5.42 26.61 -6.20
C LEU B 146 -4.75 27.81 -5.49
N ASP B 147 -3.59 28.25 -6.02
CA ASP B 147 -2.88 29.47 -5.56
C ASP B 147 -3.46 30.75 -6.20
N GLU B 148 -3.06 31.92 -5.66
CA GLU B 148 -3.56 33.25 -6.09
C GLU B 148 -3.38 33.56 -7.58
N GLU B 149 -2.32 33.05 -8.19
CA GLU B 149 -2.00 33.31 -9.60
C GLU B 149 -2.99 32.56 -10.48
N ALA B 150 -3.28 31.34 -10.08
CA ALA B 150 -4.28 30.56 -10.79
C ALA B 150 -5.66 31.15 -10.58
N ILE B 151 -5.94 31.59 -9.34
CA ILE B 151 -7.21 32.23 -9.05
C ILE B 151 -7.36 33.50 -9.91
N SER B 152 -6.31 34.33 -10.07
CA SER B 152 -6.48 35.57 -10.86
C SER B 152 -6.88 35.18 -12.26
N THR B 153 -6.25 34.15 -12.78
CA THR B 153 -6.39 33.80 -14.18
C THR B 153 -7.74 33.13 -14.41
N LEU B 154 -8.19 32.32 -13.46
CA LEU B 154 -9.51 31.76 -13.57
C LEU B 154 -10.62 32.86 -13.74
N ARG B 155 -10.56 33.85 -12.84
CA ARG B 155 -11.47 35.01 -12.82
C ARG B 155 -11.63 35.71 -14.19
N LYS B 156 -10.55 35.74 -15.00
CA LYS B 156 -10.48 36.49 -16.28
C LYS B 156 -11.02 35.70 -17.54
N GLY B 157 -10.63 34.44 -17.67
CA GLY B 157 -11.06 33.61 -18.79
C GLY B 157 -11.33 32.12 -18.50
N GLY B 158 -11.58 31.76 -17.23
CA GLY B 158 -11.92 30.36 -16.81
C GLY B 158 -10.83 29.29 -16.99
N PHE B 159 -9.55 29.72 -17.16
CA PHE B 159 -8.35 28.86 -17.36
C PHE B 159 -7.28 29.26 -16.35
N TYR B 160 -6.32 28.35 -16.04
CA TYR B 160 -5.18 28.58 -15.02
C TYR B 160 -4.08 27.50 -15.08
N SER B 161 -2.95 27.66 -14.40
CA SER B 161 -2.07 26.54 -14.21
C SER B 161 -1.76 26.49 -12.73
N GLN B 162 -1.33 25.33 -12.23
CA GLN B 162 -1.14 25.07 -10.78
C GLN B 162 -0.22 23.89 -10.63
N LYS B 163 0.75 24.05 -9.74
CA LYS B 163 1.70 23.01 -9.45
C LYS B 163 1.06 22.03 -8.46
N VAL B 164 1.36 20.73 -8.60
CA VAL B 164 0.68 19.74 -7.79
C VAL B 164 1.33 19.85 -6.44
N THR B 165 0.55 19.95 -5.37
CA THR B 165 1.18 20.05 -4.04
C THR B 165 2.15 18.89 -3.68
N THR B 166 1.78 17.66 -4.04
CA THR B 166 2.61 16.48 -3.78
C THR B 166 3.74 16.25 -4.83
N ASN B 167 3.69 16.93 -5.99
CA ASN B 167 4.73 16.84 -7.00
C ASN B 167 4.98 18.21 -7.62
N PRO B 168 5.62 19.12 -6.88
CA PRO B 168 5.60 20.52 -7.35
C PRO B 168 6.31 20.85 -8.71
N ASN B 169 7.01 19.87 -9.30
CA ASN B 169 7.55 19.94 -10.71
C ASN B 169 6.52 19.40 -11.78
N LEU B 170 5.36 18.96 -11.34
CA LEU B 170 4.31 18.57 -12.24
C LEU B 170 3.33 19.71 -12.23
N ARG B 171 3.11 20.28 -13.41
CA ARG B 171 2.19 21.41 -13.48
C ARG B 171 1.02 20.99 -14.30
N ILE B 172 -0.17 21.10 -13.69
CA ILE B 172 -1.49 21.00 -14.38
C ILE B 172 -1.90 22.31 -15.13
N ILE B 173 -2.25 22.22 -16.44
CA ILE B 173 -2.73 23.40 -17.19
C ILE B 173 -4.18 23.07 -17.42
N SER B 174 -5.09 23.93 -16.95
CA SER B 174 -6.57 23.71 -17.02
C SER B 174 -7.15 24.72 -18.01
N LEU B 175 -7.34 24.28 -19.24
CA LEU B 175 -7.83 25.11 -20.32
C LEU B 175 -9.36 25.20 -20.33
N ASN B 176 -9.79 26.32 -20.92
CA ASN B 176 -11.17 26.65 -21.28
C ASN B 176 -11.34 26.50 -22.79
N THR B 177 -11.36 25.24 -23.21
CA THR B 177 -11.58 24.88 -24.61
C THR B 177 -13.05 25.10 -25.04
N ASN B 178 -13.94 25.37 -24.09
CA ASN B 178 -15.28 25.87 -24.41
C ASN B 178 -15.24 27.14 -25.32
N LEU B 179 -14.32 28.03 -24.99
CA LEU B 179 -13.99 29.15 -25.84
C LEU B 179 -13.95 28.72 -27.28
N TYR B 180 -13.54 27.51 -27.56
CA TYR B 180 -13.31 27.02 -28.92
C TYR B 180 -14.47 26.20 -29.55
N TYR B 181 -15.47 25.84 -28.74
CA TYR B 181 -16.63 24.94 -29.12
C TYR B 181 -17.50 25.64 -30.10
N GLY B 182 -17.83 24.91 -31.18
CA GLY B 182 -18.70 25.36 -32.32
C GLY B 182 -19.82 26.30 -31.90
N PRO B 183 -20.76 25.82 -31.08
CA PRO B 183 -21.86 26.67 -30.65
C PRO B 183 -21.55 27.91 -29.80
N ASN B 184 -20.28 28.19 -29.47
CA ASN B 184 -19.98 29.47 -28.74
C ASN B 184 -19.95 30.81 -29.61
N ILE B 185 -21.05 31.58 -29.49
CA ILE B 185 -21.25 32.85 -30.25
C ILE B 185 -20.36 33.98 -29.76
N MET B 186 -19.88 33.86 -28.51
CA MET B 186 -19.09 34.91 -27.85
C MET B 186 -17.68 35.02 -28.45
N THR B 187 -17.19 33.91 -29.02
CA THR B 187 -15.81 33.89 -29.55
C THR B 187 -15.78 33.95 -31.07
N LEU B 188 -16.93 34.04 -31.72
CA LEU B 188 -16.90 34.10 -33.17
C LEU B 188 -15.97 35.19 -33.59
N ASN B 189 -15.14 34.83 -34.56
CA ASN B 189 -14.21 35.74 -35.23
C ASN B 189 -13.01 36.25 -34.40
N LYS B 190 -12.79 35.67 -33.23
CA LYS B 190 -11.63 36.03 -32.36
C LYS B 190 -10.43 35.12 -32.65
N THR B 191 -9.28 35.75 -32.83
CA THR B 191 -8.04 35.04 -33.17
C THR B 191 -7.42 34.30 -31.97
N ASP B 192 -7.52 34.89 -30.80
CA ASP B 192 -7.01 34.27 -29.60
C ASP B 192 -7.96 34.62 -28.40
N PRO B 193 -9.14 33.94 -28.31
CA PRO B 193 -10.12 34.23 -27.27
C PRO B 193 -9.59 34.08 -25.86
N ALA B 194 -9.83 35.14 -25.09
CA ALA B 194 -9.34 35.30 -23.73
C ALA B 194 -7.78 35.30 -23.62
N ASN B 195 -7.07 35.40 -24.73
CA ASN B 195 -5.61 35.31 -24.78
C ASN B 195 -5.01 33.92 -24.41
N GLN B 196 -5.88 32.93 -24.49
CA GLN B 196 -5.50 31.61 -24.02
C GLN B 196 -4.33 31.08 -24.79
N PHE B 197 -4.26 31.32 -26.10
CA PHE B 197 -3.17 30.81 -26.91
C PHE B 197 -1.82 31.35 -26.51
N GLU B 198 -1.79 32.66 -26.23
CA GLU B 198 -0.55 33.35 -25.89
C GLU B 198 -0.06 32.90 -24.52
N TRP B 199 -0.97 32.95 -23.56
CA TRP B 199 -0.72 32.44 -22.22
C TRP B 199 -0.29 30.98 -22.15
N LEU B 200 -0.89 30.13 -22.99
CA LEU B 200 -0.62 28.68 -22.97
C LEU B 200 0.83 28.37 -23.46
N GLU B 201 1.17 28.92 -24.62
CA GLU B 201 2.55 28.93 -25.10
C GLU B 201 3.54 29.50 -24.08
N SER B 202 3.21 30.63 -23.52
CA SER B 202 4.08 31.24 -22.55
C SER B 202 4.30 30.30 -21.29
N THR B 203 3.20 29.70 -20.82
CA THR B 203 3.25 28.73 -19.72
C THR B 203 4.05 27.44 -20.06
N LEU B 204 3.84 26.91 -21.26
CA LEU B 204 4.58 25.73 -21.74
C LEU B 204 6.05 26.05 -21.87
N ASN B 205 6.36 27.28 -22.31
CA ASN B 205 7.73 27.71 -22.48
C ASN B 205 8.40 27.80 -21.11
N ASN B 206 7.70 28.40 -20.16
CA ASN B 206 8.10 28.42 -18.76
C ASN B 206 8.37 27.01 -18.20
N SER B 207 7.42 26.09 -18.38
CA SER B 207 7.59 24.74 -17.85
C SER B 207 8.85 24.08 -18.39
N GLN B 208 9.11 24.23 -19.69
CA GLN B 208 10.24 23.62 -20.37
C GLN B 208 11.55 24.10 -19.83
N GLN B 209 11.58 25.38 -19.42
CA GLN B 209 12.80 26.02 -18.94
C GLN B 209 13.04 25.79 -17.45
N ASN B 210 11.99 25.34 -16.76
CA ASN B 210 12.00 25.14 -15.34
C ASN B 210 11.87 23.70 -14.90
N LYS B 211 12.29 22.77 -15.77
CA LYS B 211 12.39 21.36 -15.43
C LYS B 211 11.07 20.84 -14.86
N GLU B 212 9.98 21.28 -15.48
CA GLU B 212 8.60 20.84 -15.16
C GLU B 212 8.04 19.87 -16.23
N LYS B 213 7.13 18.98 -15.83
CA LYS B 213 6.20 18.25 -16.73
C LYS B 213 4.81 18.89 -16.59
N VAL B 214 4.07 18.72 -17.67
CA VAL B 214 2.68 19.19 -17.76
C VAL B 214 1.70 18.10 -18.15
N TYR B 215 0.63 18.09 -17.44
CA TYR B 215 -0.64 17.49 -17.81
C TYR B 215 -1.62 18.64 -18.22
N ILE B 216 -2.17 18.53 -19.43
CA ILE B 216 -3.22 19.43 -19.99
C ILE B 216 -4.52 18.77 -19.64
N ILE B 217 -5.46 19.60 -19.25
CA ILE B 217 -6.77 19.14 -18.70
C ILE B 217 -7.83 20.14 -19.18
N ALA B 218 -8.96 19.63 -19.68
CA ALA B 218 -9.85 20.56 -20.38
C ALA B 218 -11.10 19.82 -20.59
N HIS B 219 -12.10 20.50 -21.11
CA HIS B 219 -13.39 19.82 -21.23
C HIS B 219 -13.77 19.27 -22.64
N VAL B 220 -14.10 20.16 -23.55
CA VAL B 220 -14.09 19.80 -24.94
C VAL B 220 -12.70 19.48 -25.50
N PRO B 221 -12.53 18.27 -26.07
CA PRO B 221 -11.22 17.81 -26.49
C PRO B 221 -10.84 18.24 -27.88
N VAL B 222 -9.56 18.17 -28.17
CA VAL B 222 -9.16 18.36 -29.53
C VAL B 222 -9.60 17.14 -30.40
N GLY B 223 -9.43 17.32 -31.73
CA GLY B 223 -9.61 16.24 -32.72
C GLY B 223 -11.05 16.08 -33.19
N TYR B 224 -11.29 15.02 -33.94
CA TYR B 224 -12.54 14.70 -34.56
C TYR B 224 -13.37 13.76 -33.69
N LEU B 225 -14.69 14.02 -33.63
CA LEU B 225 -15.63 13.15 -32.91
C LEU B 225 -15.64 11.73 -33.52
N PRO B 226 -15.54 10.68 -32.66
CA PRO B 226 -15.28 9.38 -33.28
C PRO B 226 -16.52 8.67 -33.86
N SER B 227 -17.72 9.23 -33.71
N SER B 227 -17.67 9.35 -33.72
CA SER B 227 -18.95 8.65 -34.33
CA SER B 227 -19.01 8.91 -34.14
C SER B 227 -19.58 9.51 -35.47
C SER B 227 -19.42 9.32 -35.58
N SER B 228 -18.80 10.37 -36.10
CA SER B 228 -19.22 11.01 -37.38
C SER B 228 -17.99 11.43 -38.21
N GLN B 229 -18.20 12.00 -39.41
CA GLN B 229 -17.07 12.36 -40.31
C GLN B 229 -16.88 13.87 -40.48
N ASN B 230 -15.61 14.28 -40.49
CA ASN B 230 -15.16 15.69 -40.70
C ASN B 230 -15.72 16.73 -39.65
N ILE B 231 -16.37 16.21 -38.61
CA ILE B 231 -16.90 16.99 -37.51
C ILE B 231 -15.90 16.91 -36.38
N THR B 232 -15.15 18.01 -36.18
CA THR B 232 -14.48 18.31 -34.91
C THR B 232 -15.43 19.01 -33.89
N ALA B 233 -15.20 18.78 -32.60
CA ALA B 233 -16.01 19.46 -31.63
C ALA B 233 -15.57 20.87 -31.57
N MET B 234 -14.27 21.16 -31.62
CA MET B 234 -13.88 22.59 -31.67
C MET B 234 -14.05 23.04 -33.15
N ARG B 235 -14.13 24.37 -33.41
CA ARG B 235 -14.06 24.95 -34.79
C ARG B 235 -12.64 24.72 -35.32
N GLU B 236 -12.48 24.44 -36.62
CA GLU B 236 -11.24 23.85 -37.15
C GLU B 236 -10.00 24.77 -36.90
N TYR B 237 -10.23 26.09 -36.94
CA TYR B 237 -9.13 27.09 -36.82
C TYR B 237 -8.40 26.87 -35.53
N TYR B 238 -9.16 26.80 -34.45
CA TYR B 238 -8.69 26.50 -33.05
C TYR B 238 -8.11 25.06 -32.76
N ASN B 239 -8.83 24.03 -33.19
CA ASN B 239 -8.34 22.69 -33.09
C ASN B 239 -6.90 22.72 -33.60
N GLU B 240 -6.73 23.22 -34.84
CA GLU B 240 -5.40 23.34 -35.55
C GLU B 240 -4.29 24.21 -34.82
N LYS B 241 -4.66 25.39 -34.37
CA LYS B 241 -3.74 26.20 -33.58
C LYS B 241 -3.24 25.35 -32.42
N LEU B 242 -4.18 24.73 -31.68
CA LEU B 242 -3.81 23.95 -30.51
C LEU B 242 -2.99 22.69 -30.84
N ILE B 243 -3.31 22.00 -31.94
CA ILE B 243 -2.46 20.86 -32.34
C ILE B 243 -1.06 21.35 -32.46
N ASP B 244 -0.87 22.46 -33.18
CA ASP B 244 0.46 22.95 -33.53
C ASP B 244 1.28 23.35 -32.31
N ILE B 245 0.66 23.99 -31.29
CA ILE B 245 1.25 24.24 -29.94
C ILE B 245 1.56 22.98 -29.09
N PHE B 246 0.70 22.00 -29.18
CA PHE B 246 0.95 20.73 -28.53
C PHE B 246 2.09 19.98 -29.28
N GLN B 247 2.24 20.19 -30.62
CA GLN B 247 3.40 19.65 -31.40
C GLN B 247 4.67 20.34 -30.94
N LYS B 248 4.68 21.67 -30.91
CA LYS B 248 5.83 22.44 -30.38
C LYS B 248 6.31 21.95 -28.99
N TYR B 249 5.44 21.42 -28.15
CA TYR B 249 5.81 21.22 -26.78
C TYR B 249 5.49 19.85 -26.32
N SER B 250 5.43 18.89 -27.24
CA SER B 250 5.18 17.48 -26.86
C SER B 250 6.24 16.87 -25.92
N ASP B 251 7.44 17.46 -25.87
CA ASP B 251 8.45 17.11 -24.85
C ASP B 251 7.83 17.28 -23.41
N VAL B 252 7.40 18.51 -23.12
CA VAL B 252 7.00 18.92 -21.77
C VAL B 252 5.67 18.34 -21.32
N ILE B 253 4.77 18.15 -22.29
CA ILE B 253 3.49 17.58 -22.07
C ILE B 253 3.72 16.06 -22.06
N ALA B 254 3.17 15.47 -21.01
CA ALA B 254 3.31 14.08 -20.71
C ALA B 254 1.96 13.40 -20.70
N GLY B 255 0.91 14.19 -20.93
CA GLY B 255 -0.49 13.71 -20.86
C GLY B 255 -1.57 14.77 -21.09
N GLN B 256 -2.66 14.40 -21.79
CA GLN B 256 -3.85 15.25 -21.93
C GLN B 256 -5.09 14.49 -21.58
N PHE B 257 -6.00 15.21 -20.94
CA PHE B 257 -7.16 14.56 -20.40
C PHE B 257 -8.41 15.47 -20.63
N TYR B 258 -9.47 14.82 -21.17
CA TYR B 258 -10.67 15.54 -21.67
C TYR B 258 -11.89 14.86 -21.18
N GLY B 259 -13.05 15.49 -21.24
CA GLY B 259 -14.38 14.89 -20.92
C GLY B 259 -15.30 15.20 -22.11
N HIS B 260 -16.57 15.62 -21.86
CA HIS B 260 -17.44 16.31 -22.83
C HIS B 260 -18.17 15.44 -23.73
N THR B 261 -17.47 14.50 -24.37
N THR B 261 -17.43 14.52 -24.27
CA THR B 261 -18.15 13.59 -25.29
CA THR B 261 -17.93 13.72 -25.28
C THR B 261 -18.85 12.54 -24.64
C THR B 261 -18.23 12.44 -24.70
N HIS B 262 -18.55 12.37 -23.40
CA HIS B 262 -19.09 11.18 -22.57
C HIS B 262 -18.75 9.68 -22.80
N ARG B 263 -17.62 9.47 -23.50
CA ARG B 263 -17.26 8.20 -24.08
C ARG B 263 -15.85 7.95 -23.64
N ASP B 264 -15.50 6.65 -23.49
CA ASP B 264 -14.12 6.26 -23.34
C ASP B 264 -13.24 6.14 -24.65
N SER B 265 -12.30 7.06 -24.81
CA SER B 265 -11.59 7.17 -26.02
C SER B 265 -10.11 7.52 -25.84
N ILE B 266 -9.39 7.39 -26.93
N ILE B 266 -9.37 7.31 -26.91
CA ILE B 266 -7.99 7.72 -26.94
CA ILE B 266 -8.00 7.73 -26.94
C ILE B 266 -7.67 8.34 -28.26
C ILE B 266 -7.73 8.40 -28.25
N MET B 267 -6.77 9.32 -28.22
CA MET B 267 -6.21 9.98 -29.44
C MET B 267 -4.70 9.97 -29.29
N VAL B 268 -3.98 9.79 -30.41
CA VAL B 268 -2.50 9.90 -30.42
C VAL B 268 -2.02 11.04 -31.30
N LEU B 269 -1.45 12.07 -30.67
CA LEU B 269 -0.86 13.22 -31.36
C LEU B 269 0.53 12.88 -31.84
N SER B 270 0.72 12.94 -33.18
CA SER B 270 2.01 12.85 -33.89
C SER B 270 2.61 14.19 -34.16
N ASP B 271 3.94 14.23 -34.26
CA ASP B 271 4.66 15.47 -34.55
C ASP B 271 4.62 15.56 -36.07
N LYS B 272 5.13 16.64 -36.64
CA LYS B 272 4.75 16.94 -38.02
C LYS B 272 5.25 15.96 -39.11
N LYS B 273 5.95 14.89 -38.72
CA LYS B 273 6.46 13.88 -39.67
C LYS B 273 6.07 12.45 -39.26
N GLY B 274 4.89 12.30 -38.65
CA GLY B 274 4.29 10.97 -38.51
C GLY B 274 4.60 10.24 -37.22
N SER B 275 5.43 10.85 -36.40
CA SER B 275 5.91 10.24 -35.16
C SER B 275 4.96 10.53 -33.97
N PRO B 276 4.60 9.51 -33.15
CA PRO B 276 3.72 9.77 -32.05
C PRO B 276 4.45 10.51 -30.94
N VAL B 277 3.85 11.53 -30.36
CA VAL B 277 4.56 12.28 -29.34
C VAL B 277 3.74 12.70 -28.12
N ASN B 278 2.42 12.52 -28.19
CA ASN B 278 1.47 12.81 -27.07
C ASN B 278 0.29 11.85 -27.09
N SER B 279 -0.02 11.26 -25.95
CA SER B 279 -1.25 10.51 -25.77
C SER B 279 -2.30 11.35 -25.09
N LEU B 280 -3.54 11.14 -25.45
CA LEU B 280 -4.66 11.95 -24.88
C LEU B 280 -5.77 11.02 -24.57
N PHE B 281 -6.42 11.32 -23.45
CA PHE B 281 -7.50 10.47 -22.80
C PHE B 281 -8.80 11.26 -22.50
N VAL B 282 -9.84 10.80 -23.20
CA VAL B 282 -11.23 11.19 -22.99
C VAL B 282 -11.88 10.20 -22.05
N ALA B 283 -12.31 10.71 -20.95
CA ALA B 283 -12.90 9.84 -20.01
C ALA B 283 -14.38 9.95 -20.11
N PRO B 284 -15.10 8.87 -19.94
CA PRO B 284 -16.59 8.98 -20.02
C PRO B 284 -17.36 9.75 -18.85
N ALA B 285 -18.62 10.03 -19.01
CA ALA B 285 -19.36 10.75 -17.96
C ALA B 285 -19.78 9.81 -16.91
N VAL B 286 -20.00 10.34 -15.71
CA VAL B 286 -20.77 9.67 -14.66
C VAL B 286 -22.26 9.64 -15.07
N THR B 287 -22.77 10.75 -15.60
CA THR B 287 -24.17 10.67 -16.08
C THR B 287 -24.24 9.60 -17.22
N PRO B 288 -25.37 8.98 -17.41
CA PRO B 288 -25.60 8.12 -18.53
C PRO B 288 -26.61 8.63 -19.50
N VAL B 289 -26.97 9.87 -19.39
CA VAL B 289 -28.21 10.30 -20.06
C VAL B 289 -28.04 10.09 -21.53
N LYS B 290 -29.13 9.76 -22.20
CA LYS B 290 -29.22 9.82 -23.65
C LYS B 290 -30.54 10.47 -24.18
N SER B 291 -30.47 10.80 -25.45
CA SER B 291 -31.67 11.12 -26.19
CA SER B 291 -31.66 11.10 -26.24
C SER B 291 -32.52 9.85 -26.43
N VAL B 292 -33.86 10.00 -26.40
CA VAL B 292 -34.74 8.84 -26.74
C VAL B 292 -34.29 8.11 -28.04
N LEU B 293 -33.79 8.81 -29.07
CA LEU B 293 -33.48 8.15 -30.39
C LEU B 293 -32.16 7.35 -30.50
N GLU B 294 -31.24 7.59 -29.55
CA GLU B 294 -29.95 6.86 -29.51
C GLU B 294 -30.11 5.37 -29.08
N LYS B 295 -29.55 4.48 -29.91
CA LYS B 295 -29.41 3.11 -29.43
C LYS B 295 -28.50 3.01 -28.18
N GLN B 296 -27.34 3.66 -28.23
CA GLN B 296 -26.38 3.57 -27.17
C GLN B 296 -26.23 4.84 -26.27
N THR B 297 -25.92 4.60 -25.00
CA THR B 297 -25.30 5.58 -24.07
C THR B 297 -24.07 4.88 -23.47
N ASN B 298 -23.40 5.57 -22.59
CA ASN B 298 -22.40 4.99 -21.69
C ASN B 298 -23.05 4.63 -20.39
N ASN B 299 -22.57 3.59 -19.73
CA ASN B 299 -22.80 3.34 -18.27
C ASN B 299 -21.98 4.36 -17.49
N PRO B 300 -22.29 4.63 -16.21
CA PRO B 300 -21.46 5.55 -15.45
C PRO B 300 -20.02 5.09 -15.27
N GLY B 301 -19.07 6.04 -15.42
CA GLY B 301 -17.65 5.74 -15.21
C GLY B 301 -16.84 6.72 -14.38
N ILE B 302 -15.82 6.18 -13.69
CA ILE B 302 -14.79 6.93 -12.91
C ILE B 302 -13.45 6.28 -13.31
N ARG B 303 -12.37 7.04 -13.39
CA ARG B 303 -11.07 6.48 -13.76
C ARG B 303 -9.85 6.91 -12.90
N LEU B 304 -8.86 6.02 -12.91
CA LEU B 304 -7.66 6.13 -12.09
C LEU B 304 -6.42 5.85 -12.92
N PHE B 305 -5.61 6.87 -13.08
CA PHE B 305 -4.38 6.84 -13.87
C PHE B 305 -3.18 6.61 -12.93
N GLN B 306 -2.20 5.82 -13.39
CA GLN B 306 -0.97 5.59 -12.60
C GLN B 306 0.09 6.23 -13.35
N TYR B 307 0.99 6.89 -12.61
CA TYR B 307 2.12 7.64 -13.21
C TYR B 307 3.46 7.41 -12.44
N ASP B 308 4.56 7.50 -13.18
CA ASP B 308 5.90 7.45 -12.65
C ASP B 308 6.22 8.78 -11.88
N PRO B 309 6.49 8.72 -10.57
CA PRO B 309 6.68 10.01 -9.89
C PRO B 309 7.93 10.79 -10.23
N ARG B 310 8.83 10.18 -11.04
CA ARG B 310 10.12 10.83 -11.44
C ARG B 310 10.00 11.72 -12.67
N ASP B 311 9.58 11.14 -13.78
CA ASP B 311 9.37 11.90 -15.03
C ASP B 311 7.86 12.24 -15.34
N TYR B 312 6.94 11.73 -14.54
CA TYR B 312 5.47 11.87 -14.76
C TYR B 312 4.91 11.18 -16.01
N LYS B 313 5.62 10.19 -16.53
CA LYS B 313 5.18 9.19 -17.51
C LYS B 313 3.88 8.44 -17.04
N LEU B 314 2.88 8.32 -17.92
CA LEU B 314 1.66 7.46 -17.61
C LEU B 314 1.94 5.93 -17.72
N LEU B 315 1.79 5.21 -16.60
CA LEU B 315 2.04 3.75 -16.55
C LEU B 315 0.78 2.93 -16.83
N ASP B 316 -0.33 3.42 -16.34
CA ASP B 316 -1.56 2.79 -16.61
C ASP B 316 -2.80 3.59 -16.36
N MET B 317 -3.90 2.91 -16.67
CA MET B 317 -5.20 3.48 -16.31
C MET B 317 -6.17 2.44 -15.98
N LEU B 318 -6.91 2.71 -14.89
CA LEU B 318 -7.94 1.88 -14.29
C LEU B 318 -9.31 2.56 -14.54
N GLN B 319 -10.19 1.90 -15.30
CA GLN B 319 -11.46 2.46 -15.74
C GLN B 319 -12.48 1.75 -14.94
N TYR B 320 -13.26 2.50 -14.16
CA TYR B 320 -14.23 1.90 -13.21
C TYR B 320 -15.62 2.21 -13.70
N TYR B 321 -16.59 1.33 -13.44
CA TYR B 321 -17.90 1.63 -13.84
C TYR B 321 -18.90 1.06 -12.92
N LEU B 322 -20.10 1.64 -13.01
CA LEU B 322 -21.35 1.13 -12.44
C LEU B 322 -22.24 0.58 -13.55
N ASN B 323 -22.69 -0.63 -13.36
CA ASN B 323 -23.67 -1.28 -14.17
C ASN B 323 -24.92 -0.73 -13.55
N LEU B 324 -25.39 0.30 -14.19
CA LEU B 324 -26.59 1.00 -13.92
C LEU B 324 -27.84 0.11 -13.78
N THR B 325 -27.91 -0.86 -14.69
CA THR B 325 -29.03 -1.72 -14.82
C THR B 325 -29.00 -2.60 -13.59
N GLU B 326 -27.97 -3.47 -13.51
CA GLU B 326 -27.70 -4.30 -12.32
C GLU B 326 -27.97 -3.53 -10.98
N ALA B 327 -27.58 -2.25 -10.94
CA ALA B 327 -27.62 -1.47 -9.72
C ALA B 327 -28.99 -0.98 -9.43
N ASN B 328 -29.71 -0.48 -10.44
CA ASN B 328 -31.13 -0.26 -10.14
C ASN B 328 -32.00 -1.52 -9.82
N LEU B 329 -31.72 -2.68 -10.44
CA LEU B 329 -32.44 -3.90 -10.12
C LEU B 329 -32.24 -4.28 -8.66
N LYS B 330 -31.01 -4.10 -8.14
CA LYS B 330 -30.63 -4.55 -6.78
C LYS B 330 -30.76 -3.46 -5.72
N GLY B 331 -30.78 -2.22 -6.17
CA GLY B 331 -30.65 -1.11 -5.24
C GLY B 331 -29.32 -1.05 -4.51
N GLU B 332 -28.25 -1.46 -5.16
CA GLU B 332 -26.91 -1.41 -4.56
C GLU B 332 -25.93 -0.70 -5.48
N SER B 333 -25.01 0.07 -4.89
CA SER B 333 -23.94 0.81 -5.59
C SER B 333 -22.74 -0.04 -5.94
N ILE B 334 -22.92 -1.05 -6.78
CA ILE B 334 -21.84 -1.96 -7.18
C ILE B 334 -20.90 -1.39 -8.30
N TRP B 335 -20.01 -0.52 -7.89
CA TRP B 335 -18.97 0.00 -8.80
C TRP B 335 -17.88 -1.04 -9.01
N LYS B 336 -17.54 -1.28 -10.28
CA LYS B 336 -16.61 -2.29 -10.68
C LYS B 336 -15.63 -1.80 -11.69
N LEU B 337 -14.52 -2.53 -11.68
CA LEU B 337 -13.47 -2.43 -12.64
C LEU B 337 -13.98 -2.99 -13.96
N GLU B 338 -13.96 -2.15 -15.02
CA GLU B 338 -14.22 -2.60 -16.45
C GLU B 338 -12.93 -3.18 -17.02
N TYR B 339 -11.85 -2.40 -16.87
CA TYR B 339 -10.51 -2.81 -17.22
C TYR B 339 -9.35 -2.05 -16.59
N ILE B 340 -8.18 -2.60 -16.77
CA ILE B 340 -6.87 -1.99 -16.67
C ILE B 340 -6.21 -1.87 -18.07
N LEU B 341 -5.96 -0.66 -18.54
CA LEU B 341 -5.54 -0.54 -19.92
C LEU B 341 -4.36 -1.46 -20.35
N THR B 342 -3.24 -1.43 -19.65
CA THR B 342 -2.17 -2.19 -20.20
C THR B 342 -2.49 -3.67 -20.19
N GLN B 343 -3.26 -4.18 -19.24
CA GLN B 343 -3.66 -5.62 -19.28
C GLN B 343 -4.60 -6.05 -20.41
N THR B 344 -5.69 -5.35 -20.60
CA THR B 344 -6.72 -5.88 -21.41
C THR B 344 -6.33 -5.77 -22.91
N TYR B 345 -5.56 -4.74 -23.24
CA TYR B 345 -4.85 -4.60 -24.48
C TYR B 345 -3.35 -5.07 -24.41
N ASP B 346 -2.97 -5.68 -23.31
CA ASP B 346 -1.61 -6.17 -23.12
CA ASP B 346 -1.60 -6.20 -23.16
C ASP B 346 -0.59 -5.41 -24.02
N ILE B 347 -0.33 -4.18 -23.58
CA ILE B 347 0.73 -3.25 -24.05
C ILE B 347 1.49 -2.77 -22.77
N GLU B 348 2.61 -2.08 -22.98
CA GLU B 348 3.61 -1.93 -21.92
C GLU B 348 3.25 -0.82 -21.06
N ASP B 349 2.74 0.24 -21.62
CA ASP B 349 2.45 1.46 -20.88
C ASP B 349 1.63 2.42 -21.75
N LEU B 350 1.43 3.65 -21.27
CA LEU B 350 0.57 4.60 -21.93
C LEU B 350 1.34 5.65 -22.73
N GLN B 351 2.63 5.40 -23.04
CA GLN B 351 3.36 6.34 -23.87
C GLN B 351 2.80 6.34 -25.29
N PRO B 352 3.06 7.43 -26.02
CA PRO B 352 2.55 7.56 -27.39
C PRO B 352 2.91 6.38 -28.38
N GLU B 353 4.08 5.81 -28.27
CA GLU B 353 4.48 4.78 -29.20
C GLU B 353 3.65 3.58 -28.83
N SER B 354 3.52 3.24 -27.55
CA SER B 354 2.60 2.17 -27.12
C SER B 354 1.12 2.32 -27.60
N LEU B 355 0.48 3.43 -27.26
CA LEU B 355 -0.87 3.70 -27.76
C LEU B 355 -1.05 3.64 -29.32
N TYR B 356 -0.03 4.16 -30.01
CA TYR B 356 0.05 4.11 -31.47
C TYR B 356 0.16 2.66 -31.99
N GLY B 357 1.03 1.83 -31.37
CA GLY B 357 1.05 0.38 -31.55
C GLY B 357 -0.41 -0.16 -31.42
N LEU B 358 -1.10 0.21 -30.34
CA LEU B 358 -2.52 -0.21 -30.16
C LEU B 358 -3.43 0.24 -31.30
N ALA B 359 -3.40 1.52 -31.69
CA ALA B 359 -4.31 2.00 -32.69
C ALA B 359 -4.05 1.27 -34.06
N LYS B 360 -2.78 0.94 -34.36
CA LYS B 360 -2.47 0.14 -35.58
C LYS B 360 -3.08 -1.28 -35.52
N GLN B 361 -2.98 -1.92 -34.37
CA GLN B 361 -3.63 -3.19 -34.16
C GLN B 361 -5.10 -3.19 -34.46
N PHE B 362 -5.81 -2.09 -34.19
CA PHE B 362 -7.29 -1.96 -34.43
C PHE B 362 -7.64 -1.96 -35.90
N THR B 363 -6.73 -1.39 -36.71
CA THR B 363 -6.83 -1.40 -38.21
C THR B 363 -6.66 -2.80 -38.88
N ILE B 364 -6.46 -3.83 -38.05
CA ILE B 364 -6.51 -5.21 -38.46
C ILE B 364 -7.92 -5.59 -38.83
N LEU B 365 -7.98 -6.34 -39.92
CA LEU B 365 -9.21 -6.81 -40.53
C LEU B 365 -9.82 -7.76 -39.49
N ASP B 366 -10.93 -7.29 -38.89
CA ASP B 366 -11.64 -7.99 -37.81
C ASP B 366 -10.82 -8.07 -36.47
N SER B 367 -10.07 -6.99 -36.21
CA SER B 367 -9.41 -6.78 -35.00
C SER B 367 -10.31 -7.05 -33.80
N LYS B 368 -10.04 -8.15 -33.12
CA LYS B 368 -10.48 -8.32 -31.76
C LYS B 368 -10.20 -7.10 -30.85
N GLN B 369 -9.10 -6.42 -31.10
CA GLN B 369 -8.73 -5.26 -30.26
C GLN B 369 -9.81 -4.15 -30.43
N PHE B 370 -10.24 -3.91 -31.67
CA PHE B 370 -11.04 -2.77 -31.89
C PHE B 370 -12.43 -2.97 -31.30
N ILE B 371 -12.95 -4.17 -31.60
CA ILE B 371 -14.11 -4.72 -30.96
C ILE B 371 -14.17 -4.49 -29.44
N LYS B 372 -13.09 -4.79 -28.78
CA LYS B 372 -12.93 -4.48 -27.43
C LYS B 372 -13.12 -2.96 -27.19
N TYR B 373 -12.33 -2.23 -27.95
CA TYR B 373 -12.32 -0.84 -27.86
C TYR B 373 -13.73 -0.21 -28.10
N TYR B 374 -14.50 -0.77 -29.03
CA TYR B 374 -15.86 -0.44 -29.17
C TYR B 374 -16.74 -0.77 -27.93
N ASN B 375 -16.50 -1.82 -27.24
CA ASN B 375 -17.31 -2.16 -26.13
CA ASN B 375 -17.31 -2.17 -26.11
C ASN B 375 -17.05 -1.14 -25.01
N TYR B 376 -15.75 -0.97 -24.70
CA TYR B 376 -15.37 -0.11 -23.67
C TYR B 376 -15.81 1.37 -23.97
N PHE B 377 -15.86 1.77 -25.24
CA PHE B 377 -16.27 3.18 -25.61
C PHE B 377 -17.66 3.58 -25.07
N PHE B 378 -18.59 2.65 -25.07
CA PHE B 378 -19.82 2.87 -24.40
C PHE B 378 -19.79 2.51 -22.94
N VAL B 379 -18.60 2.29 -22.34
CA VAL B 379 -18.43 1.71 -21.02
C VAL B 379 -19.28 0.54 -20.81
N SER B 380 -19.18 -0.34 -21.79
CA SER B 380 -19.83 -1.65 -21.80
C SER B 380 -21.34 -1.71 -21.66
N TYR B 381 -22.03 -0.62 -21.95
CA TYR B 381 -23.48 -0.52 -21.90
C TYR B 381 -24.24 -1.61 -22.69
N ASP B 382 -23.79 -1.96 -23.89
CA ASP B 382 -24.33 -3.17 -24.49
C ASP B 382 -23.18 -4.07 -24.91
N SER B 383 -23.04 -5.22 -24.23
CA SER B 383 -22.18 -6.31 -24.70
C SER B 383 -22.06 -6.46 -26.22
N SER B 384 -23.21 -6.73 -26.82
CA SER B 384 -23.32 -7.27 -28.15
C SER B 384 -23.45 -6.09 -29.07
N VAL B 385 -22.77 -5.01 -28.73
CA VAL B 385 -22.88 -3.78 -29.53
C VAL B 385 -21.91 -3.95 -30.64
N THR B 386 -22.43 -3.99 -31.83
CA THR B 386 -21.55 -4.31 -32.92
C THR B 386 -21.21 -2.95 -33.48
N CYS B 387 -20.47 -2.98 -34.57
CA CYS B 387 -19.92 -1.80 -35.26
C CYS B 387 -19.75 -2.18 -36.75
N ASP B 388 -20.11 -1.29 -37.67
CA ASP B 388 -19.94 -1.58 -39.11
C ASP B 388 -18.68 -0.89 -39.65
N LYS B 389 -18.28 -1.17 -40.90
CA LYS B 389 -17.03 -0.66 -41.45
C LYS B 389 -16.87 0.84 -41.44
N THR B 390 -17.92 1.59 -41.74
CA THR B 390 -17.89 3.03 -41.76
C THR B 390 -17.62 3.67 -40.35
N CYS B 391 -18.33 3.16 -39.35
CA CYS B 391 -18.10 3.60 -37.97
C CYS B 391 -16.65 3.30 -37.58
N LYS B 392 -16.17 2.07 -37.88
CA LYS B 392 -14.78 1.73 -37.57
C LYS B 392 -13.80 2.72 -38.20
N ALA B 393 -14.04 3.04 -39.45
CA ALA B 393 -13.19 3.95 -40.10
C ALA B 393 -13.31 5.28 -39.36
N PHE B 394 -14.52 5.69 -39.01
CA PHE B 394 -14.62 6.92 -38.22
C PHE B 394 -13.73 6.84 -36.95
N GLN B 395 -13.81 5.72 -36.24
CA GLN B 395 -13.12 5.56 -34.98
C GLN B 395 -11.62 5.57 -35.22
N ILE B 396 -11.15 4.71 -36.11
CA ILE B 396 -9.71 4.54 -36.41
C ILE B 396 -9.03 5.90 -36.70
N CYS B 397 -9.58 6.62 -37.67
CA CYS B 397 -9.02 7.88 -38.07
C CYS B 397 -9.09 8.97 -37.07
N ALA B 398 -10.14 9.02 -36.28
CA ALA B 398 -10.22 10.03 -35.18
C ALA B 398 -9.18 9.77 -34.10
N ILE B 399 -8.89 8.50 -33.84
CA ILE B 399 -7.79 8.11 -32.99
C ILE B 399 -6.36 8.60 -33.49
N MET B 400 -6.01 8.35 -34.72
CA MET B 400 -4.64 8.50 -35.08
C MET B 400 -4.44 9.85 -35.75
N ASN B 401 -5.53 10.55 -36.06
CA ASN B 401 -5.46 11.72 -36.99
C ASN B 401 -6.25 12.91 -36.53
N LEU B 402 -5.55 13.78 -35.83
CA LEU B 402 -6.10 14.89 -35.12
C LEU B 402 -6.33 16.15 -35.94
N ASP B 403 -5.50 16.43 -36.94
CA ASP B 403 -5.69 17.70 -37.66
C ASP B 403 -6.28 17.39 -38.99
N ASN B 404 -6.65 18.43 -39.71
CA ASN B 404 -7.39 18.33 -41.04
C ASN B 404 -6.79 17.41 -42.16
N ILE B 405 -5.48 17.46 -42.40
CA ILE B 405 -4.93 16.81 -43.61
C ILE B 405 -4.95 15.28 -43.42
N SER B 406 -4.29 14.85 -42.35
CA SER B 406 -4.33 13.47 -41.84
C SER B 406 -5.74 12.84 -41.77
N TYR B 407 -6.70 13.60 -41.27
CA TYR B 407 -7.99 13.04 -41.03
C TYR B 407 -8.60 12.63 -42.35
N ALA B 408 -8.57 13.51 -43.34
CA ALA B 408 -8.92 13.17 -44.75
C ALA B 408 -8.03 12.05 -45.37
N ASP B 409 -6.72 12.27 -45.40
CA ASP B 409 -5.79 11.25 -45.95
C ASP B 409 -6.07 9.80 -45.44
N CYS B 410 -6.71 9.73 -44.27
CA CYS B 410 -7.38 8.54 -43.70
C CYS B 410 -8.85 8.71 -44.11
N PRO C 1 -0.98 -12.51 -13.58
CA PRO C 1 -2.12 -11.62 -13.33
C PRO C 1 -1.72 -10.23 -12.81
N PRO C 2 -2.41 -9.17 -13.26
CA PRO C 2 -2.08 -7.76 -12.99
C PRO C 2 -2.09 -7.30 -11.54
N ALA C 3 -3.04 -7.78 -10.76
CA ALA C 3 -3.08 -7.55 -9.31
C ALA C 3 -3.25 -8.90 -8.67
N ILE C 4 -2.80 -8.99 -7.42
CA ILE C 4 -2.98 -10.15 -6.54
C ILE C 4 -4.01 -9.81 -5.44
N GLY C 5 -5.05 -10.62 -5.31
CA GLY C 5 -5.98 -10.52 -4.18
C GLY C 5 -5.53 -11.34 -2.97
N GLN C 6 -5.80 -10.81 -1.77
CA GLN C 6 -5.51 -11.50 -0.48
C GLN C 6 -6.65 -11.54 0.52
N PHE C 7 -6.81 -12.66 1.14
CA PHE C 7 -7.60 -12.68 2.33
C PHE C 7 -6.96 -13.47 3.45
N TRP C 8 -7.36 -13.03 4.64
CA TRP C 8 -6.94 -13.71 5.85
C TRP C 8 -8.01 -14.83 6.14
N HIS C 9 -7.50 -15.91 6.75
CA HIS C 9 -8.33 -17.00 7.37
C HIS C 9 -7.70 -17.21 8.76
N VAL C 10 -8.49 -16.83 9.77
CA VAL C 10 -8.29 -17.13 11.13
C VAL C 10 -9.50 -17.99 11.73
N THR C 11 -9.24 -18.81 12.76
CA THR C 11 -10.09 -19.89 13.20
C THR C 11 -9.69 -20.38 14.57
N ASP C 12 -10.69 -20.80 15.31
CA ASP C 12 -10.49 -21.44 16.58
C ASP C 12 -9.61 -20.53 17.58
N LEU C 13 -10.04 -19.30 17.74
CA LEU C 13 -9.54 -18.38 18.71
C LEU C 13 -9.60 -18.91 20.12
N HIS C 14 -10.70 -19.54 20.54
CA HIS C 14 -10.95 -20.09 21.87
C HIS C 14 -10.42 -19.27 23.04
N LEU C 15 -11.06 -18.15 23.22
CA LEU C 15 -10.62 -17.35 24.27
C LEU C 15 -10.93 -17.98 25.61
N ASP C 16 -9.94 -18.10 26.46
CA ASP C 16 -10.21 -18.30 27.88
C ASP C 16 -10.26 -16.95 28.73
N PRO C 17 -11.50 -16.41 29.04
CA PRO C 17 -11.61 -15.14 29.85
C PRO C 17 -11.16 -15.33 31.28
N THR C 18 -10.51 -16.43 31.59
CA THR C 18 -10.25 -16.88 32.93
C THR C 18 -8.72 -16.88 33.08
N TYR C 19 -8.01 -16.65 31.96
CA TYR C 19 -6.54 -16.76 32.04
C TYR C 19 -5.87 -15.61 32.87
N HIS C 20 -4.97 -15.98 33.78
CA HIS C 20 -4.15 -15.05 34.52
C HIS C 20 -2.93 -15.83 35.13
N ILE C 21 -1.72 -15.33 34.93
CA ILE C 21 -0.59 -15.92 35.61
C ILE C 21 -0.78 -15.94 37.13
N THR C 22 -0.74 -17.10 37.80
CA THR C 22 -0.57 -17.11 39.26
C THR C 22 0.30 -18.24 39.77
N ASP C 23 0.58 -18.26 41.08
CA ASP C 23 1.50 -19.27 41.64
C ASP C 23 0.90 -20.67 41.57
N ASP C 24 -0.42 -20.78 41.71
CA ASP C 24 -1.10 -22.08 41.64
C ASP C 24 -1.38 -22.30 40.15
N HIS C 25 -0.57 -23.15 39.52
CA HIS C 25 -0.75 -23.45 38.10
C HIS C 25 -2.02 -24.23 37.81
N THR C 26 -2.58 -24.88 38.82
CA THR C 26 -3.93 -25.37 38.65
C THR C 26 -4.89 -24.22 38.59
N LYS C 27 -4.49 -23.01 38.97
CA LYS C 27 -5.45 -21.89 38.90
C LYS C 27 -5.24 -20.92 37.70
N VAL C 28 -4.36 -21.23 36.78
CA VAL C 28 -4.14 -20.31 35.63
C VAL C 28 -5.39 -20.09 34.70
N CYS C 29 -5.90 -21.20 34.20
CA CYS C 29 -6.95 -21.14 33.18
C CYS C 29 -7.86 -22.24 33.52
N ALA C 30 -9.11 -21.98 33.68
CA ALA C 30 -10.13 -23.04 33.83
C ALA C 30 -10.09 -24.07 32.65
N SER C 31 -9.62 -23.67 31.46
CA SER C 31 -9.45 -24.61 30.34
C SER C 31 -8.43 -25.81 30.61
N SER C 32 -7.69 -25.76 31.69
CA SER C 32 -6.82 -26.91 32.02
C SER C 32 -7.55 -27.95 32.88
N LYS C 33 -8.78 -27.58 33.30
CA LYS C 33 -9.74 -28.36 34.12
C LYS C 33 -9.10 -28.93 35.35
N GLY C 34 -8.35 -28.08 36.01
CA GLY C 34 -7.68 -28.43 37.23
C GLY C 34 -6.28 -28.99 37.04
N ALA C 35 -5.91 -29.42 35.81
CA ALA C 35 -4.51 -29.84 35.55
C ALA C 35 -3.58 -28.63 35.81
N ASN C 36 -2.35 -28.89 36.25
CA ASN C 36 -1.30 -27.86 36.34
C ASN C 36 -0.93 -27.42 34.95
N ALA C 37 -1.02 -26.13 34.74
CA ALA C 37 -0.53 -25.53 33.53
C ALA C 37 0.94 -25.91 33.47
N SER C 38 1.38 -26.26 32.26
CA SER C 38 2.69 -26.81 32.05
C SER C 38 3.78 -25.78 32.38
N ASN C 39 3.85 -24.72 31.59
CA ASN C 39 4.82 -23.67 31.83
C ASN C 39 4.25 -22.38 31.30
N PRO C 40 3.34 -21.76 32.03
CA PRO C 40 2.53 -20.71 31.47
C PRO C 40 3.22 -19.35 31.44
N GLY C 41 2.77 -18.53 30.51
CA GLY C 41 3.44 -17.30 30.17
C GLY C 41 2.49 -16.26 29.65
N PRO C 42 3.05 -15.06 29.32
CA PRO C 42 2.14 -13.99 29.04
C PRO C 42 1.37 -14.41 27.79
N PHE C 43 1.90 -15.40 27.03
CA PHE C 43 1.15 -15.75 25.80
C PHE C 43 0.26 -16.99 25.81
N GLY C 44 0.06 -17.57 26.98
CA GLY C 44 -0.66 -18.80 27.07
C GLY C 44 0.20 -20.00 27.48
N ASP C 45 -0.43 -21.17 27.36
CA ASP C 45 0.12 -22.42 27.77
C ASP C 45 -0.49 -23.54 26.91
N VAL C 46 0.31 -24.58 26.69
CA VAL C 46 -0.24 -25.67 25.87
C VAL C 46 -1.47 -26.43 26.46
N LEU C 47 -1.65 -26.33 27.81
CA LEU C 47 -2.79 -26.94 28.52
C LEU C 47 -3.92 -25.93 28.70
N CYS C 48 -3.76 -24.71 28.19
CA CYS C 48 -4.80 -23.71 28.25
C CYS C 48 -5.32 -23.19 26.87
N ASP C 49 -6.42 -22.47 26.96
CA ASP C 49 -7.00 -21.89 25.83
C ASP C 49 -6.48 -20.48 25.74
N SER C 50 -6.87 -19.77 24.74
CA SER C 50 -6.32 -18.50 24.58
C SER C 50 -6.64 -17.44 25.53
N PRO C 51 -5.51 -16.84 26.07
CA PRO C 51 -5.75 -15.64 26.83
C PRO C 51 -5.97 -14.53 25.84
N TYR C 52 -6.49 -13.42 26.30
CA TYR C 52 -6.80 -12.29 25.49
C TYR C 52 -5.54 -11.82 24.76
N GLN C 53 -4.41 -11.78 25.47
CA GLN C 53 -3.15 -11.21 24.94
C GLN C 53 -2.77 -11.94 23.62
N LEU C 54 -3.01 -13.27 23.56
CA LEU C 54 -2.73 -14.12 22.36
C LEU C 54 -3.56 -13.66 21.13
N ILE C 55 -4.88 -13.74 21.32
CA ILE C 55 -5.87 -13.36 20.29
C ILE C 55 -5.46 -11.94 19.75
N LEU C 56 -5.10 -11.05 20.68
CA LEU C 56 -4.88 -9.64 20.36
C LEU C 56 -3.50 -9.55 19.67
N SER C 57 -2.52 -10.32 20.12
CA SER C 57 -1.26 -10.38 19.40
C SER C 57 -1.46 -10.83 17.96
N ALA C 58 -2.40 -11.77 17.74
CA ALA C 58 -2.59 -12.30 16.35
C ALA C 58 -3.08 -11.22 15.37
N PHE C 59 -4.09 -10.50 15.82
CA PHE C 59 -4.69 -9.41 15.07
C PHE C 59 -3.75 -8.19 14.93
N ASP C 60 -2.89 -8.04 15.90
CA ASP C 60 -1.97 -6.98 15.90
C ASP C 60 -0.89 -7.25 14.86
N PHE C 61 -0.55 -8.51 14.63
CA PHE C 61 0.41 -8.93 13.62
C PHE C 61 -0.15 -8.70 12.23
N ILE C 62 -1.33 -9.19 12.03
CA ILE C 62 -2.04 -8.82 10.85
C ILE C 62 -1.93 -7.28 10.56
N LYS C 63 -2.30 -6.39 11.51
CA LYS C 63 -2.25 -4.90 11.32
C LYS C 63 -0.89 -4.36 10.91
N ASN C 64 0.16 -5.06 11.32
CA ASN C 64 1.54 -4.63 11.17
C ASN C 64 2.38 -5.63 10.35
N SER C 65 1.74 -6.51 9.60
CA SER C 65 2.43 -7.51 8.81
C SER C 65 2.87 -6.91 7.51
N GLY C 66 2.46 -5.67 7.29
CA GLY C 66 2.62 -5.06 6.03
C GLY C 66 2.03 -5.89 4.91
N GLN C 67 0.94 -6.60 5.17
CA GLN C 67 0.16 -7.24 4.11
C GLN C 67 -1.21 -6.61 4.03
N GLU C 68 -1.66 -6.47 2.82
CA GLU C 68 -2.86 -5.80 2.46
C GLU C 68 -3.91 -6.92 2.32
N ALA C 69 -5.15 -6.73 2.78
CA ALA C 69 -6.22 -7.70 2.49
C ALA C 69 -7.60 -7.15 2.15
N SER C 70 -8.33 -7.81 1.26
CA SER C 70 -9.64 -7.35 0.84
C SER C 70 -10.83 -7.94 1.62
N PHE C 71 -10.53 -8.98 2.39
CA PHE C 71 -11.48 -9.54 3.34
C PHE C 71 -10.84 -10.58 4.27
N MET C 72 -11.67 -11.07 5.20
CA MET C 72 -11.17 -12.04 6.17
C MET C 72 -12.25 -13.06 6.39
N ILE C 73 -11.86 -14.33 6.34
CA ILE C 73 -12.66 -15.51 6.75
CA ILE C 73 -12.72 -15.45 6.77
C ILE C 73 -12.32 -15.88 8.20
N TRP C 74 -13.32 -16.15 9.04
CA TRP C 74 -13.15 -16.45 10.49
C TRP C 74 -14.12 -17.59 10.85
N THR C 75 -13.63 -18.82 10.87
CA THR C 75 -14.44 -20.02 10.96
C THR C 75 -14.89 -20.66 12.24
N GLY C 76 -14.98 -19.85 13.25
CA GLY C 76 -15.55 -20.25 14.48
C GLY C 76 -14.82 -20.74 15.62
N ASP C 77 -15.56 -21.09 16.63
CA ASP C 77 -15.07 -21.54 17.94
C ASP C 77 -14.43 -20.59 19.00
N SER C 78 -15.07 -19.50 19.28
CA SER C 78 -14.52 -18.51 20.18
C SER C 78 -14.55 -18.79 21.65
N PRO C 79 -15.62 -19.49 22.16
CA PRO C 79 -15.66 -19.82 23.56
C PRO C 79 -14.76 -20.95 23.58
N PRO C 80 -14.24 -21.13 24.80
CA PRO C 80 -13.29 -22.07 25.47
C PRO C 80 -13.70 -23.50 25.90
N HIS C 81 -12.71 -24.40 26.00
CA HIS C 81 -12.94 -25.77 26.39
C HIS C 81 -13.04 -25.91 27.89
N VAL C 82 -14.24 -25.63 28.39
CA VAL C 82 -14.56 -25.80 29.81
C VAL C 82 -15.78 -26.72 29.87
N PRO C 83 -15.93 -27.49 30.96
CA PRO C 83 -17.18 -28.29 31.03
C PRO C 83 -18.43 -27.42 30.85
N VAL C 84 -19.42 -28.01 30.18
CA VAL C 84 -20.65 -27.35 29.80
C VAL C 84 -21.31 -26.46 30.91
N PRO C 85 -21.43 -26.96 32.18
CA PRO C 85 -22.08 -26.22 33.34
C PRO C 85 -21.43 -24.90 33.85
N GLU C 86 -20.16 -24.76 33.50
CA GLU C 86 -19.33 -23.67 33.88
C GLU C 86 -19.54 -22.58 32.88
N LEU C 87 -20.19 -22.88 31.73
CA LEU C 87 -20.68 -21.88 30.69
C LEU C 87 -22.23 -21.77 30.62
N SER C 88 -22.72 -20.80 29.86
CA SER C 88 -24.12 -20.61 29.60
C SER C 88 -24.37 -19.93 28.20
N THR C 89 -25.64 -19.80 27.76
CA THR C 89 -25.95 -19.07 26.57
C THR C 89 -25.40 -17.64 26.54
N ASP C 90 -25.47 -16.98 27.70
CA ASP C 90 -25.09 -15.59 27.87
C ASP C 90 -23.59 -15.39 27.82
N THR C 91 -22.80 -16.29 28.43
CA THR C 91 -21.32 -16.17 28.38
C THR C 91 -20.80 -16.46 27.02
N VAL C 92 -21.42 -17.43 26.36
CA VAL C 92 -21.07 -17.84 25.01
C VAL C 92 -21.24 -16.63 24.04
N ILE C 93 -22.42 -16.05 24.07
CA ILE C 93 -22.66 -14.77 23.41
C ILE C 93 -21.67 -13.65 23.80
N ASN C 94 -21.47 -13.43 25.08
CA ASN C 94 -20.49 -12.44 25.48
C ASN C 94 -19.15 -12.72 24.81
N VAL C 95 -18.76 -13.95 24.76
CA VAL C 95 -17.53 -14.25 24.13
C VAL C 95 -17.52 -13.95 22.61
N ILE C 96 -18.62 -14.15 21.94
CA ILE C 96 -18.57 -13.96 20.52
C ILE C 96 -18.55 -12.47 20.17
N THR C 97 -19.37 -11.78 20.99
CA THR C 97 -19.53 -10.35 20.99
C THR C 97 -18.16 -9.78 21.13
N ASN C 98 -17.46 -10.14 22.20
CA ASN C 98 -16.10 -9.70 22.52
C ASN C 98 -15.09 -9.93 21.40
N MET C 99 -15.02 -11.12 20.89
CA MET C 99 -14.23 -11.41 19.65
C MET C 99 -14.69 -10.54 18.45
N THR C 100 -16.01 -10.49 18.28
CA THR C 100 -16.59 -9.63 17.28
C THR C 100 -16.27 -8.13 17.48
N THR C 101 -16.55 -7.57 18.66
CA THR C 101 -16.27 -6.15 18.92
C THR C 101 -14.82 -5.92 18.63
N THR C 102 -13.96 -6.80 19.13
CA THR C 102 -12.51 -6.69 18.93
C THR C 102 -11.97 -6.65 17.49
N ILE C 103 -12.45 -7.56 16.64
CA ILE C 103 -12.21 -7.51 15.16
C ILE C 103 -12.70 -6.23 14.53
N GLN C 104 -13.92 -5.83 14.87
CA GLN C 104 -14.51 -4.59 14.29
C GLN C 104 -13.78 -3.25 14.62
N SER C 105 -13.21 -3.14 15.82
CA SER C 105 -12.36 -2.02 16.21
C SER C 105 -11.06 -1.99 15.56
N LEU C 106 -10.31 -3.08 15.62
CA LEU C 106 -9.01 -3.16 14.95
C LEU C 106 -9.06 -3.03 13.40
N PHE C 107 -10.13 -3.51 12.77
CA PHE C 107 -10.24 -3.58 11.28
C PHE C 107 -11.58 -2.85 10.87
N PRO C 108 -11.65 -1.55 11.14
CA PRO C 108 -12.92 -0.84 10.83
C PRO C 108 -13.39 -0.92 9.32
N ASN C 109 -12.45 -1.11 8.36
CA ASN C 109 -12.76 -1.17 6.92
C ASN C 109 -12.39 -2.52 6.26
N LEU C 110 -12.91 -3.60 6.81
CA LEU C 110 -12.68 -4.86 6.22
C LEU C 110 -13.88 -5.69 6.50
N GLN C 111 -14.43 -6.23 5.42
CA GLN C 111 -15.47 -7.23 5.46
C GLN C 111 -14.89 -8.55 6.04
N VAL C 112 -15.66 -9.14 6.95
CA VAL C 112 -15.25 -10.34 7.67
C VAL C 112 -16.40 -11.35 7.53
N PHE C 113 -16.09 -12.56 7.09
CA PHE C 113 -17.08 -13.57 6.78
C PHE C 113 -17.06 -14.61 7.87
N PRO C 114 -18.08 -14.62 8.74
CA PRO C 114 -18.08 -15.62 9.76
C PRO C 114 -18.83 -16.87 9.49
N ALA C 115 -18.41 -17.88 10.26
CA ALA C 115 -19.07 -19.14 10.41
C ALA C 115 -19.12 -19.59 11.90
N LEU C 116 -20.19 -20.20 12.34
CA LEU C 116 -20.24 -20.63 13.68
C LEU C 116 -19.49 -21.91 13.86
N GLY C 117 -18.93 -22.09 15.03
CA GLY C 117 -18.26 -23.28 15.32
C GLY C 117 -19.12 -24.13 16.21
N ASN C 118 -18.48 -25.20 16.67
CA ASN C 118 -19.07 -26.13 17.62
C ASN C 118 -19.16 -25.44 18.98
N HIS C 119 -18.06 -24.85 19.47
CA HIS C 119 -18.15 -24.18 20.74
C HIS C 119 -18.89 -22.98 20.70
N ASP C 120 -19.26 -22.51 19.53
CA ASP C 120 -20.07 -21.29 19.46
C ASP C 120 -21.53 -21.22 20.04
N TYR C 121 -22.01 -22.27 20.66
CA TYR C 121 -23.38 -22.35 21.14
C TYR C 121 -23.25 -22.96 22.52
N TRP C 122 -24.25 -22.72 23.35
CA TRP C 122 -24.43 -23.44 24.59
C TRP C 122 -25.70 -24.34 24.66
N PRO C 123 -25.54 -25.59 25.00
CA PRO C 123 -24.28 -26.32 25.16
C PRO C 123 -23.56 -26.68 23.90
N GLN C 124 -22.25 -26.71 23.95
CA GLN C 124 -21.46 -27.06 22.74
C GLN C 124 -22.05 -28.18 21.91
N ASP C 125 -22.00 -27.99 20.59
CA ASP C 125 -22.35 -28.99 19.58
C ASP C 125 -23.87 -29.23 19.34
N GLN C 126 -24.74 -28.71 20.19
CA GLN C 126 -26.14 -29.09 20.06
C GLN C 126 -26.82 -27.92 19.24
N LEU C 127 -26.21 -27.48 18.12
CA LEU C 127 -26.76 -26.36 17.36
C LEU C 127 -28.02 -26.74 16.60
N PRO C 128 -28.98 -25.85 16.63
CA PRO C 128 -30.35 -26.19 16.23
C PRO C 128 -30.68 -25.86 14.76
N VAL C 129 -31.81 -26.45 14.33
CA VAL C 129 -32.49 -26.32 13.02
C VAL C 129 -33.33 -25.04 12.82
N VAL C 130 -33.87 -24.51 13.88
CA VAL C 130 -34.68 -23.31 13.81
C VAL C 130 -33.89 -22.16 14.49
N THR C 131 -34.41 -20.94 14.45
CA THR C 131 -33.85 -19.75 15.18
C THR C 131 -33.66 -20.04 16.69
N SER C 132 -32.83 -19.19 17.33
CA SER C 132 -32.33 -19.38 18.71
C SER C 132 -31.69 -18.08 19.15
N LYS C 133 -31.46 -17.90 20.44
N LYS C 133 -31.46 -17.89 20.43
CA LYS C 133 -30.98 -16.59 20.92
CA LYS C 133 -31.01 -16.57 20.89
C LYS C 133 -29.69 -16.32 20.19
C LYS C 133 -29.67 -16.30 20.22
N VAL C 134 -28.86 -17.36 20.07
CA VAL C 134 -27.46 -17.26 19.57
C VAL C 134 -27.38 -16.82 18.14
N TYR C 135 -28.16 -17.52 17.32
CA TYR C 135 -28.26 -17.29 15.87
C TYR C 135 -28.72 -15.88 15.64
N ASN C 136 -29.61 -15.39 16.52
CA ASN C 136 -30.06 -14.00 16.47
C ASN C 136 -29.06 -12.95 16.96
N ALA C 137 -28.33 -13.26 18.04
CA ALA C 137 -27.23 -12.38 18.49
C ALA C 137 -26.04 -12.30 17.48
N VAL C 138 -25.70 -13.43 16.86
CA VAL C 138 -24.59 -13.43 15.89
C VAL C 138 -25.05 -12.56 14.69
N ALA C 139 -26.33 -12.71 14.32
CA ALA C 139 -26.97 -11.87 13.27
C ALA C 139 -26.89 -10.34 13.58
N ASN C 140 -27.27 -9.98 14.83
CA ASN C 140 -27.13 -8.60 15.31
C ASN C 140 -25.70 -8.16 15.34
N LEU C 141 -24.83 -9.04 15.81
CA LEU C 141 -23.40 -8.76 15.86
C LEU C 141 -22.68 -8.62 14.51
N TRP C 142 -23.14 -9.34 13.48
CA TRP C 142 -22.50 -9.37 12.16
C TRP C 142 -23.21 -8.56 11.02
N LYS C 143 -24.34 -7.87 11.32
CA LYS C 143 -24.97 -6.87 10.46
C LYS C 143 -24.01 -5.93 9.66
N PRO C 144 -22.98 -5.34 10.33
CA PRO C 144 -21.97 -4.46 9.63
C PRO C 144 -21.24 -5.02 8.36
N TRP C 145 -21.05 -6.33 8.41
CA TRP C 145 -20.39 -7.13 7.36
C TRP C 145 -21.34 -7.76 6.44
N LEU C 146 -22.52 -8.13 6.89
CA LEU C 146 -23.38 -8.96 6.04
C LEU C 146 -24.70 -8.26 5.67
N ASP C 147 -25.21 -8.60 4.46
CA ASP C 147 -26.48 -8.05 3.97
C ASP C 147 -27.70 -8.78 4.57
N GLU C 148 -28.85 -8.11 4.39
CA GLU C 148 -30.15 -8.47 4.96
C GLU C 148 -30.54 -9.87 4.68
N GLU C 149 -30.29 -10.30 3.44
CA GLU C 149 -30.67 -11.62 2.98
C GLU C 149 -29.86 -12.70 3.71
N ALA C 150 -28.58 -12.46 3.85
CA ALA C 150 -27.68 -13.24 4.70
C ALA C 150 -27.95 -13.06 6.17
N ILE C 151 -28.21 -11.85 6.59
CA ILE C 151 -28.53 -11.73 8.00
C ILE C 151 -29.76 -12.62 8.29
N SER C 152 -30.73 -12.51 7.40
CA SER C 152 -31.95 -13.30 7.38
C SER C 152 -31.75 -14.80 7.61
N THR C 153 -31.00 -15.45 6.74
CA THR C 153 -30.82 -16.88 6.83
C THR C 153 -29.99 -17.24 8.07
N LEU C 154 -29.08 -16.35 8.48
CA LEU C 154 -28.30 -16.58 9.69
C LEU C 154 -29.20 -16.79 10.92
N ARG C 155 -30.09 -15.84 11.20
CA ARG C 155 -31.07 -16.07 12.23
C ARG C 155 -31.75 -17.46 12.24
N LYS C 156 -31.91 -18.06 11.07
CA LYS C 156 -32.76 -19.19 10.99
C LYS C 156 -32.09 -20.51 11.02
N GLY C 157 -30.85 -20.55 10.55
CA GLY C 157 -30.10 -21.80 10.34
C GLY C 157 -28.70 -21.68 10.81
N GLY C 158 -28.19 -20.48 11.09
CA GLY C 158 -26.76 -20.29 11.37
C GLY C 158 -25.85 -20.38 10.10
N PHE C 159 -26.45 -20.13 8.92
CA PHE C 159 -25.73 -20.15 7.68
C PHE C 159 -26.18 -18.97 6.76
N TYR C 160 -25.38 -18.59 5.78
CA TYR C 160 -25.73 -17.51 4.86
C TYR C 160 -24.85 -17.53 3.64
N SER C 161 -25.22 -16.78 2.60
CA SER C 161 -24.16 -16.42 1.62
C SER C 161 -24.14 -14.92 1.44
N GLN C 162 -23.03 -14.42 0.89
CA GLN C 162 -22.77 -13.02 0.87
C GLN C 162 -21.77 -12.68 -0.26
N LYS C 163 -22.03 -11.62 -1.03
CA LYS C 163 -21.11 -11.14 -2.06
C LYS C 163 -20.10 -10.23 -1.38
N VAL C 164 -18.89 -10.23 -1.94
CA VAL C 164 -17.71 -9.53 -1.46
C VAL C 164 -17.72 -8.11 -2.03
N THR C 165 -17.69 -7.10 -1.14
CA THR C 165 -17.80 -5.69 -1.56
C THR C 165 -16.75 -5.37 -2.57
N THR C 166 -15.51 -5.68 -2.28
CA THR C 166 -14.38 -5.52 -3.27
C THR C 166 -14.30 -6.48 -4.55
N ASN C 167 -15.14 -7.51 -4.62
CA ASN C 167 -15.10 -8.47 -5.71
C ASN C 167 -16.51 -9.06 -5.80
N PRO C 168 -17.47 -8.28 -6.38
CA PRO C 168 -18.92 -8.66 -6.17
C PRO C 168 -19.42 -9.92 -6.95
N ASN C 169 -18.74 -10.33 -8.03
CA ASN C 169 -18.94 -11.67 -8.62
C ASN C 169 -18.23 -12.85 -7.84
N LEU C 170 -17.65 -12.59 -6.68
CA LEU C 170 -17.17 -13.63 -5.77
C LEU C 170 -18.20 -13.73 -4.59
N ARG C 171 -18.81 -14.86 -4.37
CA ARG C 171 -19.72 -15.02 -3.19
C ARG C 171 -19.20 -16.08 -2.21
N ILE C 172 -19.22 -15.72 -0.92
CA ILE C 172 -18.79 -16.56 0.17
C ILE C 172 -20.05 -17.19 0.54
N ILE C 173 -20.03 -18.54 0.59
CA ILE C 173 -21.07 -19.42 1.19
C ILE C 173 -20.62 -19.97 2.59
N SER C 174 -21.30 -19.61 3.67
CA SER C 174 -20.80 -19.87 5.01
C SER C 174 -21.72 -20.86 5.62
N LEU C 175 -21.27 -22.09 5.71
CA LEU C 175 -22.13 -23.19 6.11
C LEU C 175 -21.97 -23.45 7.61
N ASN C 176 -23.10 -23.81 8.26
CA ASN C 176 -23.17 -24.54 9.57
C ASN C 176 -23.04 -26.03 9.36
N THR C 177 -21.80 -26.49 9.31
CA THR C 177 -21.54 -27.91 9.26
C THR C 177 -21.87 -28.45 10.69
N ASN C 178 -21.96 -27.58 11.68
CA ASN C 178 -21.97 -28.08 13.04
C ASN C 178 -23.20 -28.98 13.09
N LEU C 179 -24.13 -28.65 12.21
CA LEU C 179 -25.39 -29.35 12.12
C LEU C 179 -25.23 -30.84 11.74
N TYR C 180 -24.16 -31.17 11.02
CA TYR C 180 -23.80 -32.54 10.59
C TYR C 180 -22.75 -33.21 11.47
N TYR C 181 -22.34 -32.54 12.55
CA TYR C 181 -21.36 -33.00 13.47
C TYR C 181 -21.88 -34.15 14.35
N GLY C 182 -21.07 -35.22 14.42
CA GLY C 182 -21.37 -36.44 15.17
C GLY C 182 -22.09 -36.32 16.49
N PRO C 183 -21.56 -35.52 17.43
CA PRO C 183 -22.24 -35.30 18.74
C PRO C 183 -23.52 -34.45 18.76
N ASN C 184 -23.98 -33.97 17.60
CA ASN C 184 -25.15 -33.05 17.53
C ASN C 184 -26.43 -33.87 17.56
N ILE C 185 -27.03 -33.92 18.72
CA ILE C 185 -28.24 -34.67 18.95
C ILE C 185 -29.43 -33.97 18.30
N MET C 186 -29.40 -32.65 18.11
CA MET C 186 -30.58 -31.98 17.67
C MET C 186 -30.92 -32.32 16.23
N THR C 187 -29.98 -32.92 15.54
CA THR C 187 -30.21 -33.15 14.13
C THR C 187 -30.33 -34.65 13.78
N LEU C 188 -30.34 -35.53 14.78
CA LEU C 188 -30.48 -36.98 14.54
C LEU C 188 -31.75 -37.32 13.74
N ASN C 189 -31.58 -38.26 12.81
CA ASN C 189 -32.61 -38.74 11.90
C ASN C 189 -33.26 -37.68 10.99
N LYS C 190 -32.71 -36.48 10.98
CA LYS C 190 -33.04 -35.42 9.97
C LYS C 190 -32.26 -35.54 8.65
N THR C 191 -33.02 -35.46 7.56
CA THR C 191 -32.55 -35.75 6.21
C THR C 191 -31.83 -34.53 5.63
N ASP C 192 -32.37 -33.35 5.92
CA ASP C 192 -31.76 -32.10 5.51
C ASP C 192 -31.99 -31.05 6.60
N PRO C 193 -31.18 -31.09 7.67
CA PRO C 193 -31.20 -30.06 8.75
C PRO C 193 -31.12 -28.59 8.29
N ALA C 194 -32.13 -27.86 8.73
CA ALA C 194 -32.28 -26.40 8.58
C ALA C 194 -32.36 -26.09 7.07
N ASN C 195 -32.55 -27.15 6.32
CA ASN C 195 -32.78 -27.04 4.91
C ASN C 195 -31.53 -26.63 4.14
N GLN C 196 -30.38 -26.98 4.71
CA GLN C 196 -29.09 -26.47 4.24
C GLN C 196 -28.73 -27.05 2.91
N PHE C 197 -29.03 -28.30 2.74
CA PHE C 197 -28.62 -28.96 1.53
C PHE C 197 -29.38 -28.33 0.38
N GLU C 198 -30.70 -28.23 0.50
CA GLU C 198 -31.59 -27.66 -0.52
C GLU C 198 -31.30 -26.19 -0.80
N TRP C 199 -31.06 -25.43 0.26
CA TRP C 199 -30.58 -24.05 0.11
C TRP C 199 -29.10 -23.97 -0.45
N LEU C 200 -28.18 -24.88 -0.02
CA LEU C 200 -26.82 -25.00 -0.63
C LEU C 200 -26.87 -25.13 -2.19
N GLU C 201 -27.58 -26.17 -2.64
CA GLU C 201 -27.73 -26.52 -4.06
C GLU C 201 -28.35 -25.37 -4.82
N SER C 202 -29.35 -24.79 -4.21
CA SER C 202 -30.02 -23.75 -4.87
C SER C 202 -29.04 -22.59 -4.96
N THR C 203 -28.28 -22.33 -3.90
CA THR C 203 -27.39 -21.16 -3.89
C THR C 203 -26.30 -21.43 -4.93
N LEU C 204 -25.88 -22.69 -5.01
CA LEU C 204 -24.76 -23.05 -5.91
C LEU C 204 -25.15 -22.85 -7.39
N ASN C 205 -26.40 -23.24 -7.69
CA ASN C 205 -27.08 -23.00 -8.98
C ASN C 205 -27.17 -21.50 -9.35
N ASN C 206 -27.74 -20.69 -8.48
CA ASN C 206 -27.78 -19.23 -8.69
C ASN C 206 -26.44 -18.74 -9.14
N SER C 207 -25.40 -19.16 -8.41
CA SER C 207 -24.03 -18.66 -8.64
C SER C 207 -23.51 -19.00 -10.04
N GLN C 208 -23.62 -20.28 -10.37
CA GLN C 208 -23.17 -20.84 -11.64
C GLN C 208 -23.73 -20.14 -12.85
N GLN C 209 -24.95 -19.61 -12.69
CA GLN C 209 -25.71 -19.00 -13.77
C GLN C 209 -25.55 -17.51 -13.81
N ASN C 210 -25.08 -16.92 -12.71
CA ASN C 210 -24.80 -15.49 -12.64
C ASN C 210 -23.33 -15.19 -12.79
N LYS C 211 -22.61 -16.09 -13.45
CA LYS C 211 -21.18 -15.89 -13.71
C LYS C 211 -20.45 -15.58 -12.41
N GLU C 212 -20.77 -16.31 -11.34
CA GLU C 212 -20.13 -16.10 -10.05
C GLU C 212 -19.23 -17.26 -9.70
N LYS C 213 -18.21 -16.97 -8.89
CA LYS C 213 -17.40 -17.97 -8.21
C LYS C 213 -17.76 -17.97 -6.70
N VAL C 214 -17.54 -19.15 -6.09
CA VAL C 214 -17.87 -19.42 -4.72
C VAL C 214 -16.69 -19.87 -3.89
N TYR C 215 -16.57 -19.26 -2.68
CA TYR C 215 -15.67 -19.76 -1.62
C TYR C 215 -16.56 -20.34 -0.57
N ILE C 216 -16.38 -21.64 -0.31
CA ILE C 216 -17.05 -22.32 0.80
C ILE C 216 -16.27 -22.15 2.08
N ILE C 217 -16.95 -21.69 3.13
N ILE C 217 -16.94 -21.58 3.09
CA ILE C 217 -16.34 -21.57 4.44
CA ILE C 217 -16.44 -21.53 4.44
C ILE C 217 -17.32 -22.17 5.45
C ILE C 217 -17.34 -22.37 5.34
N ALA C 218 -16.77 -22.87 6.45
CA ALA C 218 -17.55 -23.56 7.55
C ALA C 218 -16.61 -24.02 8.64
N HIS C 219 -17.13 -24.47 9.77
CA HIS C 219 -16.31 -25.10 10.89
C HIS C 219 -15.79 -26.55 10.76
N VAL C 220 -16.68 -27.52 10.90
CA VAL C 220 -16.31 -28.93 10.77
C VAL C 220 -16.10 -29.20 9.31
N PRO C 221 -14.90 -29.67 8.90
CA PRO C 221 -14.70 -30.03 7.56
C PRO C 221 -15.34 -31.36 7.18
N VAL C 222 -15.57 -31.52 5.87
CA VAL C 222 -15.98 -32.82 5.31
C VAL C 222 -14.84 -33.83 5.31
N GLY C 223 -15.12 -35.08 4.94
CA GLY C 223 -14.02 -36.03 4.73
C GLY C 223 -13.52 -36.63 6.02
N TYR C 224 -12.37 -37.29 5.95
CA TYR C 224 -11.76 -38.06 7.08
C TYR C 224 -10.65 -37.30 7.90
N LEU C 225 -10.61 -37.60 9.21
CA LEU C 225 -9.63 -37.04 10.17
C LEU C 225 -8.22 -37.62 10.03
N PRO C 226 -7.20 -36.75 9.92
CA PRO C 226 -6.03 -37.42 9.39
C PRO C 226 -5.28 -38.29 10.43
N SER C 227 -5.66 -38.23 11.70
N SER C 227 -5.79 -38.20 11.67
CA SER C 227 -4.86 -38.93 12.69
CA SER C 227 -5.14 -38.66 12.87
C SER C 227 -5.48 -40.19 13.21
C SER C 227 -5.51 -40.11 13.20
N SER C 228 -6.70 -40.50 12.73
CA SER C 228 -7.42 -41.73 13.13
C SER C 228 -7.91 -42.57 11.91
N GLN C 229 -8.37 -43.79 12.18
CA GLN C 229 -8.80 -44.66 11.09
C GLN C 229 -10.32 -44.69 11.02
N ASN C 230 -10.84 -44.29 9.87
CA ASN C 230 -12.25 -44.42 9.54
C ASN C 230 -13.21 -43.59 10.42
N ILE C 231 -12.72 -42.47 10.99
CA ILE C 231 -13.59 -41.43 11.61
C ILE C 231 -13.69 -40.18 10.71
N THR C 232 -14.89 -39.95 10.18
CA THR C 232 -15.28 -38.61 9.68
C THR C 232 -15.80 -37.69 10.82
N ALA C 233 -15.52 -36.39 10.74
CA ALA C 233 -16.01 -35.46 11.76
C ALA C 233 -17.57 -35.42 11.74
N MET C 234 -18.07 -35.32 10.50
CA MET C 234 -19.48 -35.37 10.22
C MET C 234 -19.95 -36.82 10.19
N ARG C 235 -21.25 -36.99 10.40
CA ARG C 235 -21.88 -38.27 10.15
C ARG C 235 -21.70 -38.56 8.68
N GLU C 236 -21.22 -39.78 8.44
CA GLU C 236 -20.94 -40.34 7.11
C GLU C 236 -22.03 -39.98 6.11
N TYR C 237 -23.27 -39.98 6.56
CA TYR C 237 -24.41 -39.67 5.68
C TYR C 237 -24.37 -38.23 5.17
N TYR C 238 -24.20 -37.26 6.05
CA TYR C 238 -24.16 -35.89 5.59
C TYR C 238 -22.82 -35.69 4.86
N ASN C 239 -21.78 -36.44 5.25
CA ASN C 239 -20.50 -36.31 4.55
C ASN C 239 -20.61 -36.70 3.07
N GLU C 240 -21.13 -37.90 2.81
CA GLU C 240 -21.55 -38.35 1.47
C GLU C 240 -22.42 -37.33 0.69
N LYS C 241 -23.38 -36.68 1.34
CA LYS C 241 -24.30 -35.79 0.63
C LYS C 241 -23.61 -34.49 0.22
N LEU C 242 -22.75 -33.98 1.11
CA LEU C 242 -21.97 -32.77 0.79
C LEU C 242 -21.01 -33.02 -0.39
N ILE C 243 -20.35 -34.18 -0.35
CA ILE C 243 -19.38 -34.56 -1.35
C ILE C 243 -20.08 -34.47 -2.70
N ASP C 244 -21.22 -35.13 -2.81
CA ASP C 244 -21.95 -35.25 -4.08
C ASP C 244 -22.40 -33.88 -4.51
N ILE C 245 -22.90 -33.02 -3.59
CA ILE C 245 -23.14 -31.59 -3.93
C ILE C 245 -21.90 -30.88 -4.46
N PHE C 246 -20.82 -30.95 -3.70
CA PHE C 246 -19.52 -30.32 -4.10
C PHE C 246 -18.98 -30.80 -5.46
N GLN C 247 -19.07 -32.09 -5.69
CA GLN C 247 -18.72 -32.68 -6.99
C GLN C 247 -19.54 -32.11 -8.13
N LYS C 248 -20.86 -32.09 -7.97
CA LYS C 248 -21.79 -31.43 -8.92
C LYS C 248 -21.45 -29.97 -9.28
N TYR C 249 -20.89 -29.20 -8.37
CA TYR C 249 -20.66 -27.78 -8.58
C TYR C 249 -19.19 -27.40 -8.47
N SER C 250 -18.35 -28.39 -8.78
CA SER C 250 -16.89 -28.19 -8.71
C SER C 250 -16.38 -27.05 -9.58
N ASP C 251 -16.99 -26.82 -10.74
CA ASP C 251 -16.74 -25.62 -11.56
C ASP C 251 -16.88 -24.29 -10.81
N VAL C 252 -18.01 -24.08 -10.14
CA VAL C 252 -18.32 -22.80 -9.42
C VAL C 252 -17.37 -22.54 -8.23
N ILE C 253 -17.13 -23.62 -7.42
CA ILE C 253 -16.39 -23.55 -6.18
C ILE C 253 -14.92 -23.50 -6.56
N ALA C 254 -14.28 -22.42 -6.18
CA ALA C 254 -12.89 -22.20 -6.39
C ALA C 254 -12.05 -22.48 -5.10
N GLY C 255 -12.67 -23.00 -4.05
CA GLY C 255 -11.96 -23.35 -2.83
C GLY C 255 -12.92 -23.37 -1.61
N GLN C 256 -12.52 -24.23 -0.67
CA GLN C 256 -13.27 -24.62 0.44
C GLN C 256 -12.35 -24.32 1.67
N PHE C 257 -12.86 -23.79 2.77
CA PHE C 257 -11.97 -23.45 3.90
C PHE C 257 -12.57 -23.87 5.21
N TYR C 258 -11.74 -24.38 6.09
CA TYR C 258 -12.29 -25.02 7.32
C TYR C 258 -11.40 -24.86 8.60
N GLY C 259 -11.98 -25.20 9.75
CA GLY C 259 -11.29 -25.13 11.02
C GLY C 259 -11.40 -26.45 11.74
N HIS C 260 -11.78 -26.33 13.02
CA HIS C 260 -12.23 -27.39 13.96
C HIS C 260 -11.14 -28.31 14.48
N THR C 261 -10.34 -28.92 13.61
CA THR C 261 -9.18 -29.83 14.03
C THR C 261 -7.94 -29.19 14.76
N HIS C 262 -7.74 -27.89 14.51
CA HIS C 262 -6.56 -27.18 14.98
C HIS C 262 -5.27 -27.65 14.32
N ARG C 263 -5.44 -28.25 13.16
CA ARG C 263 -4.36 -28.80 12.30
C ARG C 263 -4.35 -28.23 10.86
N ASP C 264 -3.16 -28.28 10.28
CA ASP C 264 -2.87 -27.73 8.99
C ASP C 264 -2.94 -28.93 8.13
N SER C 265 -4.02 -29.01 7.34
CA SER C 265 -4.29 -30.07 6.32
C SER C 265 -4.83 -29.47 4.99
N ILE C 266 -4.66 -30.31 3.97
CA ILE C 266 -5.32 -30.15 2.68
C ILE C 266 -6.11 -31.38 2.34
N MET C 267 -7.20 -31.21 1.58
CA MET C 267 -7.85 -32.34 0.90
C MET C 267 -8.04 -31.98 -0.56
N VAL C 268 -8.11 -33.02 -1.38
CA VAL C 268 -8.46 -32.89 -2.78
C VAL C 268 -9.67 -33.74 -3.02
N LEU C 269 -10.74 -33.08 -3.44
CA LEU C 269 -12.00 -33.71 -3.75
C LEU C 269 -11.92 -34.11 -5.21
N SER C 270 -12.34 -35.31 -5.51
CA SER C 270 -12.38 -35.76 -6.87
C SER C 270 -13.81 -35.97 -7.32
N ASP C 271 -13.93 -35.90 -8.64
CA ASP C 271 -15.20 -36.11 -9.28
C ASP C 271 -15.47 -37.60 -9.27
N LYS C 272 -16.72 -37.98 -9.51
CA LYS C 272 -17.09 -39.39 -9.45
C LYS C 272 -16.26 -40.29 -10.41
N LYS C 273 -15.60 -39.71 -11.41
CA LYS C 273 -14.69 -40.46 -12.26
C LYS C 273 -13.23 -40.57 -11.75
N GLY C 274 -12.90 -39.97 -10.60
CA GLY C 274 -11.51 -40.01 -10.03
C GLY C 274 -10.56 -38.86 -10.43
N SER C 275 -11.09 -37.88 -11.16
CA SER C 275 -10.35 -36.70 -11.53
C SER C 275 -10.46 -35.60 -10.44
N PRO C 276 -9.35 -34.90 -10.16
CA PRO C 276 -9.36 -33.94 -9.06
C PRO C 276 -9.98 -32.61 -9.48
N VAL C 277 -10.95 -32.15 -8.69
CA VAL C 277 -11.80 -31.01 -9.05
C VAL C 277 -11.94 -29.91 -7.99
N ASN C 278 -11.68 -30.21 -6.71
CA ASN C 278 -11.75 -29.19 -5.66
C ASN C 278 -10.65 -29.29 -4.67
N SER C 279 -10.14 -28.11 -4.27
CA SER C 279 -9.09 -27.87 -3.27
C SER C 279 -9.74 -27.46 -1.92
N LEU C 280 -9.50 -28.23 -0.82
CA LEU C 280 -9.98 -27.93 0.53
C LEU C 280 -8.80 -27.64 1.46
N PHE C 281 -8.91 -26.57 2.27
CA PHE C 281 -7.87 -26.10 3.18
C PHE C 281 -8.32 -26.00 4.64
N VAL C 282 -7.73 -26.78 5.52
CA VAL C 282 -8.19 -26.78 6.88
C VAL C 282 -7.15 -25.99 7.63
N ALA C 283 -7.62 -25.02 8.40
CA ALA C 283 -6.66 -24.06 8.97
C ALA C 283 -6.51 -24.44 10.45
N PRO C 284 -5.32 -24.30 10.98
CA PRO C 284 -5.14 -24.68 12.35
C PRO C 284 -5.47 -23.45 13.25
N ALA C 285 -5.58 -23.70 14.53
CA ALA C 285 -6.17 -22.83 15.45
C ALA C 285 -5.20 -21.73 15.97
N VAL C 286 -5.79 -20.66 16.53
CA VAL C 286 -4.95 -19.74 17.36
C VAL C 286 -4.62 -20.32 18.77
N THR C 287 -5.63 -20.92 19.42
CA THR C 287 -5.44 -21.50 20.73
C THR C 287 -4.44 -22.64 20.60
N PRO C 288 -3.61 -22.80 21.59
CA PRO C 288 -2.67 -23.88 21.58
C PRO C 288 -3.08 -25.07 22.40
N VAL C 289 -4.27 -25.02 22.97
CA VAL C 289 -4.67 -25.97 23.99
C VAL C 289 -4.47 -27.47 23.58
N LYS C 290 -3.92 -28.30 24.48
CA LYS C 290 -4.04 -29.76 24.33
C LYS C 290 -4.46 -30.44 25.64
N SER C 291 -4.77 -31.73 25.57
CA SER C 291 -4.91 -32.58 26.75
CA SER C 291 -4.91 -32.57 26.75
C SER C 291 -3.53 -32.99 27.29
N VAL C 292 -3.48 -33.38 28.57
CA VAL C 292 -2.18 -33.81 29.13
C VAL C 292 -1.57 -35.03 28.48
N LEU C 293 -2.43 -35.95 28.08
CA LEU C 293 -1.95 -37.18 27.52
C LEU C 293 -1.53 -37.05 26.07
N GLU C 294 -1.90 -35.95 25.39
CA GLU C 294 -1.40 -35.77 24.00
C GLU C 294 0.06 -35.38 23.97
N LYS C 295 0.87 -36.04 23.18
CA LYS C 295 2.22 -35.55 22.92
C LYS C 295 2.29 -34.22 22.18
N GLN C 296 1.53 -34.10 21.10
CA GLN C 296 1.67 -32.95 20.22
C GLN C 296 0.48 -32.00 20.44
N THR C 297 0.64 -30.76 20.01
CA THR C 297 -0.44 -29.81 19.85
C THR C 297 -0.11 -28.89 18.72
N ASN C 298 -0.82 -27.78 18.54
CA ASN C 298 -0.41 -26.79 17.54
C ASN C 298 0.10 -25.52 18.16
N ASN C 299 1.08 -24.88 17.47
CA ASN C 299 1.44 -23.51 17.82
C ASN C 299 0.29 -22.68 17.23
N PRO C 300 0.02 -21.54 17.75
CA PRO C 300 -1.00 -20.69 17.10
C PRO C 300 -0.64 -20.29 15.60
N GLY C 301 -1.73 -20.23 14.77
CA GLY C 301 -1.68 -19.96 13.36
C GLY C 301 -2.60 -18.84 12.80
N ILE C 302 -2.07 -18.07 11.86
CA ILE C 302 -2.81 -17.08 11.14
C ILE C 302 -2.57 -17.47 9.70
N ARG C 303 -3.58 -17.40 8.82
CA ARG C 303 -3.19 -17.52 7.42
C ARG C 303 -3.74 -16.51 6.40
N LEU C 304 -2.88 -16.28 5.41
CA LEU C 304 -3.17 -15.44 4.29
C LEU C 304 -3.16 -16.10 2.89
N PHE C 305 -4.30 -15.93 2.19
CA PHE C 305 -4.47 -16.58 0.86
C PHE C 305 -4.32 -15.55 -0.25
N GLN C 306 -3.76 -16.00 -1.35
CA GLN C 306 -3.56 -15.20 -2.55
C GLN C 306 -4.43 -15.74 -3.69
N TYR C 307 -5.18 -14.82 -4.32
CA TYR C 307 -6.05 -15.18 -5.39
C TYR C 307 -5.85 -14.27 -6.60
N ASP C 308 -6.23 -14.82 -7.76
CA ASP C 308 -6.33 -14.10 -9.00
C ASP C 308 -7.73 -13.50 -9.00
N PRO C 309 -7.82 -12.17 -9.01
CA PRO C 309 -9.15 -11.54 -8.94
C PRO C 309 -10.00 -11.53 -10.24
N ARG C 310 -9.55 -12.17 -11.32
CA ARG C 310 -10.36 -12.32 -12.53
C ARG C 310 -11.27 -13.53 -12.41
N ASP C 311 -10.70 -14.72 -12.20
CA ASP C 311 -11.47 -15.98 -12.00
C ASP C 311 -11.47 -16.52 -10.54
N TYR C 312 -10.77 -15.82 -9.64
CA TYR C 312 -10.76 -16.24 -8.20
C TYR C 312 -10.03 -17.59 -7.86
N LYS C 313 -9.16 -17.99 -8.79
CA LYS C 313 -8.25 -19.12 -8.65
C LYS C 313 -7.26 -18.81 -7.53
N LEU C 314 -7.05 -19.79 -6.65
CA LEU C 314 -6.10 -19.66 -5.51
C LEU C 314 -4.68 -19.80 -6.01
N LEU C 315 -3.88 -18.77 -5.80
CA LEU C 315 -2.49 -18.76 -6.28
C LEU C 315 -1.55 -19.27 -5.24
N ASP C 316 -1.81 -18.95 -4.00
CA ASP C 316 -0.82 -19.32 -3.02
C ASP C 316 -1.35 -19.13 -1.58
N MET C 317 -0.49 -19.43 -0.60
CA MET C 317 -0.90 -19.38 0.80
C MET C 317 0.29 -19.26 1.69
N LEU C 318 0.09 -18.47 2.72
CA LEU C 318 1.19 -18.05 3.62
C LEU C 318 0.69 -18.37 4.97
N GLN C 319 1.42 -19.23 5.68
CA GLN C 319 1.03 -19.69 7.03
C GLN C 319 1.88 -19.05 8.04
N TYR C 320 1.30 -18.39 8.99
CA TYR C 320 2.13 -17.65 9.94
C TYR C 320 1.87 -18.29 11.25
N TYR C 321 2.76 -18.02 12.19
CA TYR C 321 2.65 -18.74 13.44
C TYR C 321 3.40 -18.06 14.50
N LEU C 322 3.04 -18.43 15.72
CA LEU C 322 3.67 -17.88 16.91
C LEU C 322 4.38 -19.07 17.57
N ASN C 323 5.71 -18.96 17.71
CA ASN C 323 6.46 -19.95 18.50
C ASN C 323 6.20 -19.67 19.95
N LEU C 324 5.21 -20.38 20.47
CA LEU C 324 4.70 -20.20 21.86
C LEU C 324 5.78 -20.22 22.91
N THR C 325 6.66 -21.20 22.83
CA THR C 325 7.78 -21.26 23.75
C THR C 325 8.64 -20.02 23.67
N GLU C 326 8.97 -19.61 22.46
CA GLU C 326 9.82 -18.45 22.29
C GLU C 326 9.12 -17.21 22.88
N ALA C 327 7.82 -17.09 22.61
CA ALA C 327 7.04 -15.92 22.95
C ALA C 327 7.06 -15.72 24.47
N ASN C 328 6.72 -16.79 25.19
CA ASN C 328 6.70 -16.75 26.64
C ASN C 328 8.12 -16.66 27.18
N LEU C 329 9.13 -17.28 26.56
CA LEU C 329 10.49 -17.08 27.08
C LEU C 329 10.86 -15.58 27.09
N LYS C 330 10.56 -14.89 26.00
CA LYS C 330 10.96 -13.48 25.83
C LYS C 330 9.86 -12.52 26.25
N GLY C 331 8.69 -13.05 26.57
CA GLY C 331 7.50 -12.21 26.73
C GLY C 331 7.41 -11.27 25.54
N GLU C 332 7.68 -11.76 24.33
CA GLU C 332 7.48 -10.94 23.15
C GLU C 332 6.64 -11.70 22.13
N SER C 333 5.86 -10.91 21.42
CA SER C 333 4.82 -11.32 20.49
C SER C 333 5.39 -11.65 19.09
N ILE C 334 6.32 -12.58 18.96
CA ILE C 334 6.97 -12.76 17.67
C ILE C 334 6.21 -13.67 16.68
N TRP C 335 5.31 -13.07 15.88
CA TRP C 335 4.68 -13.77 14.72
C TRP C 335 5.68 -14.02 13.60
N LYS C 336 5.66 -15.24 13.06
CA LYS C 336 6.58 -15.61 12.01
C LYS C 336 5.94 -16.36 10.88
N LEU C 337 6.60 -16.17 9.73
CA LEU C 337 6.31 -16.90 8.52
C LEU C 337 6.74 -18.39 8.67
N GLU C 338 5.79 -19.28 8.65
CA GLU C 338 6.07 -20.71 8.67
C GLU C 338 6.41 -21.22 7.27
N TYR C 339 5.50 -21.03 6.30
CA TYR C 339 5.78 -21.35 4.90
C TYR C 339 4.92 -20.53 3.94
N ILE C 340 5.46 -20.37 2.74
CA ILE C 340 4.77 -20.03 1.54
C ILE C 340 4.58 -21.40 0.78
N LEU C 341 3.36 -21.81 0.53
CA LEU C 341 3.05 -23.14 0.14
C LEU C 341 3.60 -23.56 -1.23
N THR C 342 3.56 -22.67 -2.23
CA THR C 342 4.20 -22.96 -3.56
C THR C 342 5.73 -23.06 -3.47
N GLN C 343 6.33 -22.34 -2.55
CA GLN C 343 7.77 -22.41 -2.31
C GLN C 343 8.21 -23.69 -1.59
N THR C 344 7.62 -24.02 -0.45
CA THR C 344 8.14 -25.22 0.26
C THR C 344 7.90 -26.49 -0.54
N TYR C 345 6.79 -26.56 -1.26
CA TYR C 345 6.42 -27.78 -1.93
C TYR C 345 6.71 -27.78 -3.43
N ASP C 346 7.13 -26.65 -4.01
CA ASP C 346 7.45 -26.57 -5.45
C ASP C 346 6.30 -27.03 -6.35
N ILE C 347 5.20 -26.31 -6.27
CA ILE C 347 4.06 -26.55 -7.13
C ILE C 347 3.65 -25.19 -7.66
N GLU C 348 2.86 -25.18 -8.71
CA GLU C 348 2.55 -23.94 -9.41
C GLU C 348 1.62 -23.07 -8.57
N ASP C 349 0.62 -23.70 -7.94
CA ASP C 349 -0.54 -22.99 -7.34
C ASP C 349 -1.38 -23.96 -6.46
N LEU C 350 -2.57 -23.52 -6.05
CA LEU C 350 -3.46 -24.30 -5.19
C LEU C 350 -4.59 -25.02 -5.92
N GLN C 351 -4.44 -25.12 -7.26
CA GLN C 351 -5.43 -25.83 -8.09
C GLN C 351 -5.43 -27.29 -7.71
N PRO C 352 -6.60 -27.95 -7.89
CA PRO C 352 -6.75 -29.35 -7.59
C PRO C 352 -5.63 -30.23 -8.10
N GLU C 353 -5.32 -30.10 -9.38
CA GLU C 353 -4.29 -30.90 -10.09
C GLU C 353 -2.94 -30.76 -9.42
N SER C 354 -2.57 -29.52 -9.05
CA SER C 354 -1.35 -29.28 -8.23
C SER C 354 -1.35 -29.93 -6.83
N LEU C 355 -2.41 -29.77 -6.06
CA LEU C 355 -2.46 -30.39 -4.72
C LEU C 355 -2.40 -31.92 -4.90
N TYR C 356 -3.13 -32.43 -5.90
CA TYR C 356 -3.19 -33.87 -6.17
C TYR C 356 -1.79 -34.46 -6.43
N GLY C 357 -1.03 -33.75 -7.26
CA GLY C 357 0.39 -33.97 -7.45
C GLY C 357 1.21 -33.96 -6.18
N LEU C 358 1.06 -32.93 -5.34
CA LEU C 358 1.80 -32.93 -4.06
C LEU C 358 1.47 -34.22 -3.22
N ALA C 359 0.17 -34.58 -3.16
CA ALA C 359 -0.27 -35.77 -2.43
C ALA C 359 0.37 -37.10 -2.91
N LYS C 360 0.54 -37.20 -4.21
CA LYS C 360 1.23 -38.36 -4.80
C LYS C 360 2.71 -38.42 -4.36
N GLN C 361 3.39 -37.30 -4.36
CA GLN C 361 4.77 -37.24 -3.87
C GLN C 361 4.91 -37.66 -2.38
N PHE C 362 3.91 -37.27 -1.54
CA PHE C 362 3.83 -37.74 -0.12
C PHE C 362 3.82 -39.28 -0.07
N THR C 363 3.09 -39.93 -1.00
CA THR C 363 3.14 -41.36 -1.09
C THR C 363 4.51 -41.91 -1.52
N ILE C 364 5.46 -41.10 -1.93
CA ILE C 364 6.84 -41.61 -2.24
C ILE C 364 7.25 -42.37 -0.97
N LEU C 365 8.13 -43.38 -1.13
CA LEU C 365 8.73 -44.12 0.00
C LEU C 365 9.78 -43.22 0.66
N ASP C 366 9.57 -43.02 1.96
CA ASP C 366 10.35 -42.10 2.79
C ASP C 366 10.34 -40.64 2.28
N SER C 367 9.24 -40.23 1.66
CA SER C 367 9.12 -38.87 1.13
C SER C 367 9.47 -37.76 2.16
N LYS C 368 10.37 -36.87 1.76
CA LYS C 368 10.68 -35.60 2.48
C LYS C 368 9.54 -34.58 2.46
N GLN C 369 8.85 -34.52 1.32
CA GLN C 369 7.63 -33.72 1.21
C GLN C 369 6.63 -34.06 2.34
N PHE C 370 6.37 -35.38 2.57
CA PHE C 370 5.36 -35.81 3.54
C PHE C 370 5.77 -35.45 4.98
N ILE C 371 7.01 -35.75 5.32
CA ILE C 371 7.67 -35.29 6.53
C ILE C 371 7.48 -33.77 6.79
N LYS C 372 7.88 -32.89 5.89
CA LYS C 372 7.60 -31.45 5.99
C LYS C 372 6.15 -31.13 6.35
N TYR C 373 5.26 -31.78 5.59
CA TYR C 373 3.80 -31.68 5.69
C TYR C 373 3.36 -32.00 7.11
N TYR C 374 4.05 -33.02 7.66
CA TYR C 374 3.79 -33.51 8.99
C TYR C 374 4.20 -32.50 10.10
N ASN C 375 5.32 -31.86 9.95
CA ASN C 375 5.68 -30.90 10.91
C ASN C 375 4.69 -29.69 10.93
N TYR C 376 4.47 -29.12 9.78
CA TYR C 376 3.46 -28.14 9.56
C TYR C 376 2.07 -28.58 9.97
N PHE C 377 1.80 -29.92 9.96
CA PHE C 377 0.52 -30.40 10.40
C PHE C 377 0.23 -29.80 11.82
N PHE C 378 1.21 -29.92 12.70
CA PHE C 378 1.17 -29.35 14.03
C PHE C 378 1.74 -27.93 14.17
N VAL C 379 1.75 -27.14 13.09
CA VAL C 379 2.29 -25.76 13.10
C VAL C 379 3.71 -25.65 13.76
N SER C 380 4.50 -26.66 13.43
CA SER C 380 5.91 -26.87 13.81
C SER C 380 6.11 -27.01 15.28
N TYR C 381 5.12 -27.50 16.04
CA TYR C 381 5.22 -27.62 17.51
C TYR C 381 6.49 -28.36 18.02
N ASP C 382 6.85 -29.47 17.40
CA ASP C 382 8.22 -30.01 17.56
C ASP C 382 8.91 -30.20 16.18
N SER C 383 10.21 -30.07 16.17
CA SER C 383 11.02 -30.28 14.96
C SER C 383 11.03 -31.77 14.67
N SER C 384 11.56 -32.51 15.63
CA SER C 384 11.87 -33.90 15.47
C SER C 384 10.63 -34.73 15.70
N VAL C 385 9.49 -34.23 15.25
CA VAL C 385 8.33 -35.11 15.36
C VAL C 385 8.44 -36.01 14.16
N THR C 386 8.38 -37.28 14.45
CA THR C 386 8.59 -38.37 13.51
C THR C 386 7.17 -38.88 13.25
N CYS C 387 7.00 -39.82 12.34
CA CYS C 387 5.68 -40.34 11.98
C CYS C 387 5.92 -41.80 11.58
N ASP C 388 4.99 -42.69 11.89
CA ASP C 388 5.11 -44.13 11.59
C ASP C 388 4.26 -44.44 10.36
N LYS C 389 4.46 -45.63 9.79
CA LYS C 389 3.75 -46.06 8.58
C LYS C 389 2.22 -45.97 8.69
N THR C 390 1.68 -46.47 9.79
CA THR C 390 0.23 -46.46 10.01
C THR C 390 -0.36 -45.03 9.96
N CYS C 391 0.24 -44.11 10.72
CA CYS C 391 -0.22 -42.73 10.74
C CYS C 391 -0.16 -42.13 9.32
N LYS C 392 0.93 -42.41 8.62
CA LYS C 392 1.11 -41.83 7.30
C LYS C 392 0.02 -42.32 6.37
N ALA C 393 -0.26 -43.61 6.45
CA ALA C 393 -1.37 -44.21 5.71
C ALA C 393 -2.70 -43.44 6.02
N PHE C 394 -2.99 -43.23 7.29
CA PHE C 394 -4.17 -42.44 7.68
C PHE C 394 -4.15 -41.02 7.10
N GLN C 395 -2.99 -40.36 7.13
CA GLN C 395 -2.85 -39.00 6.65
C GLN C 395 -3.10 -38.94 5.12
N ILE C 396 -2.31 -39.72 4.38
CA ILE C 396 -2.43 -39.87 2.92
C ILE C 396 -3.86 -40.18 2.44
N CYS C 397 -4.47 -41.18 3.06
CA CYS C 397 -5.78 -41.57 2.64
C CYS C 397 -6.79 -40.45 2.80
N ALA C 398 -6.76 -39.76 3.95
CA ALA C 398 -7.59 -38.56 4.22
C ALA C 398 -7.43 -37.34 3.25
N ILE C 399 -6.21 -37.04 2.84
CA ILE C 399 -5.97 -35.94 1.95
C ILE C 399 -6.67 -36.24 0.63
N MET C 400 -6.59 -37.50 0.18
CA MET C 400 -6.95 -37.85 -1.22
C MET C 400 -8.32 -38.48 -1.35
N ASN C 401 -8.94 -38.94 -0.25
CA ASN C 401 -10.21 -39.67 -0.32
C ASN C 401 -11.21 -39.23 0.70
N LEU C 402 -12.30 -38.61 0.25
CA LEU C 402 -13.22 -37.93 1.18
C LEU C 402 -14.49 -38.75 1.45
N ASP C 403 -14.95 -39.51 0.46
CA ASP C 403 -16.08 -40.42 0.68
C ASP C 403 -15.60 -41.75 1.27
N ASN C 404 -16.54 -42.53 1.82
CA ASN C 404 -16.24 -43.86 2.43
C ASN C 404 -15.55 -44.98 1.55
N ILE C 405 -15.95 -45.10 0.28
CA ILE C 405 -15.53 -46.22 -0.56
C ILE C 405 -14.02 -46.04 -0.90
N SER C 406 -13.73 -44.89 -1.52
CA SER C 406 -12.38 -44.41 -1.80
C SER C 406 -11.44 -44.54 -0.62
N TYR C 407 -11.95 -44.18 0.55
CA TYR C 407 -11.16 -44.09 1.77
C TYR C 407 -10.71 -45.46 2.20
N ALA C 408 -11.68 -46.36 2.32
CA ALA C 408 -11.42 -47.79 2.61
C ALA C 408 -10.53 -48.42 1.50
N ASP C 409 -10.94 -48.18 0.27
CA ASP C 409 -10.13 -48.61 -0.84
C ASP C 409 -8.68 -48.20 -0.57
N CYS C 410 -8.46 -46.94 -0.20
CA CYS C 410 -7.12 -46.44 0.19
C CYS C 410 -6.71 -47.01 1.55
#